data_3OKF
#
_entry.id   3OKF
#
_cell.length_a   80.140
_cell.length_b   80.140
_cell.length_c   262.965
_cell.angle_alpha   90.00
_cell.angle_beta   90.00
_cell.angle_gamma   90.00
#
_symmetry.space_group_name_H-M   'P 43 21 2'
#
loop_
_entity.id
_entity.type
_entity.pdbx_description
1 polymer '3-dehydroquinate synthase'
2 non-polymer NICOTINAMIDE-ADENINE-DINUCLEOTIDE
3 non-polymer 'PHOSPHATE ION'
4 non-polymer 'CHLORIDE ION'
5 non-polymer 'SODIUM ION'
6 water water
#
_entity_poly.entity_id   1
_entity_poly.type   'polypeptide(L)'
_entity_poly.pdbx_seq_one_letter_code
;MHHHHHHSSGVDLGTENLYFQSNAMECKTMERITVNLGERSYPISIGAGLFANPALLSLSAKQKVVIVTNHTVAPLYAPA
IISLLDHIGCQHALLELPDGEQYKTLETFNTVMSFLLEHNYSRDVVVIALGGGVIGDLVGFAAACYQRGVDFIQIPTTLL
SQVDSSVGGKTAVNHPLGKNMIGAFYQPKAVVIDTDCLTTLPAREFAAGMAEVIKYGIIYDSAFFDWLEAQMEALYALDE
QALTYAIARCCQIKAEVVAQDEKESGIRALLNLGHTFGHAIEAHMGYGNWLHGEAVSAGTVMAAKTAQLQGLIDASQFER
ILAILKKAHLPVRTPENMTFADFMQHMMRDKKVLAGELRLVLPTSIGTSAVVKGVPEAVIAQAIEYCRTV
;
_entity_poly.pdbx_strand_id   A,B
#
# COMPACT_ATOMS: atom_id res chain seq x y z
N THR A 29 25.70 3.03 -26.02
CA THR A 29 24.40 2.38 -26.30
C THR A 29 23.55 2.31 -25.04
N MET A 30 22.31 2.79 -25.15
CA MET A 30 21.38 2.81 -24.04
C MET A 30 19.98 3.14 -24.52
N GLU A 31 19.00 2.38 -24.05
CA GLU A 31 17.61 2.64 -24.38
C GLU A 31 16.95 3.21 -23.15
N ARG A 32 16.03 4.13 -23.36
CA ARG A 32 15.31 4.73 -22.25
C ARG A 32 13.82 4.64 -22.56
N ILE A 33 13.06 4.09 -21.65
CA ILE A 33 11.62 3.94 -21.84
C ILE A 33 10.89 4.67 -20.74
N THR A 34 10.05 5.62 -21.13
CA THR A 34 9.26 6.35 -20.16
C THR A 34 7.95 5.59 -20.02
N VAL A 35 7.62 5.18 -18.80
CA VAL A 35 6.37 4.50 -18.54
C VAL A 35 5.39 5.61 -18.19
N ASN A 36 4.40 5.80 -19.05
CA ASN A 36 3.42 6.87 -18.89
C ASN A 36 2.28 6.55 -17.93
N LEU A 37 2.29 7.24 -16.79
CA LEU A 37 1.27 7.05 -15.75
C LEU A 37 0.96 8.39 -15.07
N GLY A 38 0.87 9.44 -15.88
CA GLY A 38 0.59 10.77 -15.38
C GLY A 38 1.69 11.27 -14.47
N GLU A 39 1.29 11.77 -13.30
CA GLU A 39 2.21 12.32 -12.30
C GLU A 39 3.25 11.28 -11.85
N ARG A 40 2.89 10.01 -11.96
CA ARG A 40 3.75 8.90 -11.56
C ARG A 40 4.55 8.29 -12.72
N SER A 41 4.84 9.06 -13.76
CA SER A 41 5.64 8.54 -14.88
C SER A 41 7.07 8.32 -14.46
N TYR A 42 7.67 7.22 -14.90
CA TYR A 42 9.05 6.95 -14.56
C TYR A 42 9.83 6.41 -15.75
N PRO A 43 11.15 6.66 -15.75
CA PRO A 43 12.04 6.18 -16.79
C PRO A 43 12.66 4.81 -16.49
N ILE A 44 12.80 3.99 -17.52
CA ILE A 44 13.47 2.70 -17.40
C ILE A 44 14.72 2.84 -18.27
N SER A 45 15.89 2.74 -17.66
CA SER A 45 17.13 2.85 -18.41
C SER A 45 17.77 1.48 -18.56
N ILE A 46 18.12 1.10 -19.80
CA ILE A 46 18.70 -0.22 -20.08
C ILE A 46 19.98 -0.08 -20.89
N GLY A 47 21.06 -0.68 -20.43
CA GLY A 47 22.33 -0.63 -21.15
C GLY A 47 23.48 -1.32 -20.45
N ALA A 48 24.61 -1.44 -21.16
CA ALA A 48 25.81 -2.03 -20.60
C ALA A 48 26.59 -0.97 -19.83
N GLY A 49 26.95 -1.26 -18.59
CA GLY A 49 27.74 -0.35 -17.76
C GLY A 49 26.97 0.79 -17.11
N LEU A 50 25.66 0.62 -16.96
CA LEU A 50 24.88 1.69 -16.33
C LEU A 50 25.25 1.87 -14.86
N PHE A 51 25.78 0.84 -14.21
CA PHE A 51 26.18 1.01 -12.79
C PHE A 51 27.35 1.98 -12.59
N ALA A 52 27.92 2.50 -13.68
CA ALA A 52 29.00 3.50 -13.60
C ALA A 52 28.48 4.93 -13.81
N ASN A 53 27.18 5.07 -14.03
CA ASN A 53 26.56 6.39 -14.28
C ASN A 53 25.66 6.88 -13.12
N PRO A 54 26.21 7.70 -12.22
CA PRO A 54 25.45 8.20 -11.04
C PRO A 54 24.20 9.01 -11.37
N ALA A 55 24.21 9.68 -12.52
CA ALA A 55 23.10 10.51 -12.97
C ALA A 55 21.80 9.72 -13.04
N LEU A 56 21.87 8.46 -13.43
CA LEU A 56 20.68 7.64 -13.57
C LEU A 56 19.86 7.50 -12.27
N LEU A 57 20.50 7.73 -11.12
CA LEU A 57 19.80 7.62 -9.83
C LEU A 57 19.01 8.86 -9.43
N SER A 58 19.39 10.04 -9.95
CA SER A 58 18.73 11.30 -9.62
C SER A 58 18.71 11.57 -8.11
N LEU A 59 19.88 11.49 -7.49
CA LEU A 59 20.02 11.72 -6.06
C LEU A 59 20.85 12.99 -5.78
N SER A 60 20.88 13.39 -4.51
CA SER A 60 21.59 14.59 -4.09
C SER A 60 22.47 14.31 -2.89
N ALA A 61 23.56 15.08 -2.77
CA ALA A 61 24.47 14.94 -1.66
C ALA A 61 23.68 15.05 -0.37
N LYS A 62 24.14 14.34 0.66
CA LYS A 62 23.50 14.36 1.97
C LYS A 62 22.04 13.78 2.05
N GLN A 63 21.50 13.36 0.91
CA GLN A 63 20.18 12.73 0.87
C GLN A 63 20.39 11.31 1.43
N LYS A 64 19.49 10.86 2.30
CA LYS A 64 19.57 9.51 2.91
C LYS A 64 19.18 8.43 1.91
N VAL A 65 20.04 7.42 1.75
CA VAL A 65 19.77 6.34 0.82
C VAL A 65 20.05 4.99 1.46
N VAL A 66 19.16 4.03 1.21
CA VAL A 66 19.32 2.67 1.75
C VAL A 66 19.24 1.66 0.62
N ILE A 67 20.21 0.76 0.58
CA ILE A 67 20.23 -0.31 -0.41
C ILE A 67 19.75 -1.59 0.26
N VAL A 68 18.70 -2.19 -0.26
CA VAL A 68 18.25 -3.46 0.30
C VAL A 68 18.47 -4.49 -0.78
N THR A 69 19.23 -5.52 -0.44
CA THR A 69 19.58 -6.59 -1.38
C THR A 69 19.54 -7.91 -0.61
N ASN A 70 20.21 -8.94 -1.10
CA ASN A 70 20.28 -10.20 -0.33
C ASN A 70 21.74 -10.60 -0.17
N HIS A 71 22.03 -11.65 0.60
CA HIS A 71 23.42 -12.07 0.85
C HIS A 71 24.21 -12.51 -0.37
N THR A 72 23.52 -12.97 -1.40
CA THR A 72 24.16 -13.43 -2.63
C THR A 72 24.55 -12.26 -3.54
N VAL A 73 23.60 -11.36 -3.77
CA VAL A 73 23.82 -10.24 -4.69
C VAL A 73 24.71 -9.14 -4.13
N ALA A 74 24.65 -8.94 -2.81
CA ALA A 74 25.43 -7.89 -2.13
C ALA A 74 26.91 -7.83 -2.54
N PRO A 75 27.64 -8.94 -2.36
CA PRO A 75 29.07 -8.94 -2.70
C PRO A 75 29.36 -8.78 -4.20
N LEU A 76 28.36 -8.99 -5.05
CA LEU A 76 28.56 -8.84 -6.48
C LEU A 76 28.31 -7.42 -6.97
N TYR A 77 27.28 -6.75 -6.46
CA TYR A 77 26.92 -5.43 -6.97
C TYR A 77 26.73 -4.30 -5.95
N ALA A 78 26.70 -4.59 -4.65
CA ALA A 78 26.52 -3.52 -3.69
C ALA A 78 27.69 -2.53 -3.78
N PRO A 79 28.93 -3.03 -3.86
CA PRO A 79 30.06 -2.09 -3.96
C PRO A 79 29.95 -1.11 -5.11
N ALA A 80 29.51 -1.57 -6.27
CA ALA A 80 29.35 -0.67 -7.42
C ALA A 80 28.36 0.46 -7.08
N ILE A 81 27.20 0.06 -6.55
CA ILE A 81 26.16 1.02 -6.23
C ILE A 81 26.61 1.95 -5.12
N ILE A 82 27.22 1.40 -4.08
CA ILE A 82 27.71 2.22 -2.97
C ILE A 82 28.71 3.25 -3.49
N SER A 83 29.42 2.88 -4.55
CA SER A 83 30.41 3.76 -5.12
C SER A 83 29.73 4.98 -5.74
N LEU A 84 28.59 4.74 -6.39
CA LEU A 84 27.82 5.83 -6.99
C LEU A 84 27.29 6.76 -5.92
N LEU A 85 26.75 6.18 -4.85
CA LEU A 85 26.21 6.97 -3.73
C LEU A 85 27.29 7.83 -3.08
N ASP A 86 28.50 7.27 -2.92
CA ASP A 86 29.62 8.02 -2.35
C ASP A 86 30.06 9.19 -3.26
N HIS A 87 30.03 8.96 -4.57
CA HIS A 87 30.39 9.98 -5.57
C HIS A 87 29.41 11.15 -5.38
N ILE A 88 28.12 10.84 -5.41
CA ILE A 88 27.03 11.81 -5.28
C ILE A 88 27.07 12.55 -3.93
N GLY A 89 27.53 11.86 -2.89
CA GLY A 89 27.64 12.43 -1.53
C GLY A 89 26.54 11.99 -0.55
N CYS A 90 25.76 11.00 -0.96
CA CYS A 90 24.66 10.49 -0.14
C CYS A 90 25.13 9.77 1.10
N GLN A 91 24.38 9.92 2.19
CA GLN A 91 24.66 9.13 3.39
C GLN A 91 23.87 7.84 3.12
N HIS A 92 24.54 6.70 3.18
CA HIS A 92 23.89 5.44 2.85
C HIS A 92 24.05 4.33 3.90
N ALA A 93 23.18 3.33 3.77
CA ALA A 93 23.20 2.16 4.64
C ALA A 93 22.83 0.93 3.78
N LEU A 94 23.33 -0.25 4.14
CA LEU A 94 23.06 -1.47 3.38
C LEU A 94 22.33 -2.53 4.22
N LEU A 95 21.24 -3.08 3.69
CA LEU A 95 20.50 -4.16 4.37
C LEU A 95 20.58 -5.40 3.50
N GLU A 96 21.13 -6.48 4.03
CA GLU A 96 21.26 -7.73 3.29
C GLU A 96 20.29 -8.78 3.79
N LEU A 97 19.20 -8.95 3.06
CA LEU A 97 18.19 -9.94 3.41
C LEU A 97 18.66 -11.33 3.02
N PRO A 98 18.04 -12.37 3.61
CA PRO A 98 18.42 -13.71 3.23
C PRO A 98 17.87 -14.03 1.84
N ASP A 99 18.62 -14.81 1.07
CA ASP A 99 18.25 -15.21 -0.28
C ASP A 99 17.23 -16.35 -0.24
N GLY A 100 16.08 -16.15 -0.87
CA GLY A 100 15.07 -17.19 -0.95
C GLY A 100 13.63 -16.76 -0.97
N GLU A 101 12.84 -17.42 -1.80
CA GLU A 101 11.41 -17.18 -1.91
C GLU A 101 10.72 -17.44 -0.57
N GLN A 102 11.25 -18.38 0.20
CA GLN A 102 10.69 -18.74 1.52
C GLN A 102 10.73 -17.56 2.49
N TYR A 103 11.55 -16.56 2.19
CA TYR A 103 11.68 -15.39 3.04
C TYR A 103 10.90 -14.16 2.53
N LYS A 104 10.20 -14.31 1.40
CA LYS A 104 9.41 -13.20 0.85
C LYS A 104 8.13 -13.15 1.66
N THR A 105 8.26 -12.84 2.95
CA THR A 105 7.12 -12.85 3.87
C THR A 105 6.87 -11.51 4.52
N LEU A 106 5.81 -11.46 5.31
CA LEU A 106 5.46 -10.23 6.00
C LEU A 106 6.49 -9.97 7.09
N GLU A 107 7.08 -11.03 7.63
CA GLU A 107 8.05 -10.80 8.69
C GLU A 107 9.35 -10.19 8.16
N THR A 108 9.75 -10.55 6.95
CA THR A 108 10.95 -9.98 6.32
C THR A 108 10.67 -8.51 5.95
N PHE A 109 9.41 -8.25 5.62
CA PHE A 109 8.93 -6.90 5.34
C PHE A 109 9.10 -6.09 6.62
N ASN A 110 8.79 -6.72 7.76
CA ASN A 110 8.91 -6.07 9.06
C ASN A 110 10.39 -5.78 9.36
N THR A 111 11.29 -6.65 8.88
CA THR A 111 12.73 -6.45 9.08
C THR A 111 13.22 -5.21 8.37
N VAL A 112 12.64 -4.90 7.22
CA VAL A 112 13.00 -3.68 6.48
C VAL A 112 12.46 -2.46 7.25
N MET A 113 11.25 -2.56 7.81
CA MET A 113 10.70 -1.45 8.57
C MET A 113 11.60 -1.18 9.76
N SER A 114 12.05 -2.25 10.41
CA SER A 114 12.90 -2.14 11.59
C SER A 114 14.21 -1.48 11.23
N PHE A 115 14.76 -1.86 10.07
CA PHE A 115 16.04 -1.31 9.64
C PHE A 115 15.90 0.19 9.42
N LEU A 116 14.85 0.58 8.69
CA LEU A 116 14.61 1.98 8.38
C LEU A 116 14.38 2.81 9.64
N LEU A 117 13.63 2.26 10.59
CA LEU A 117 13.36 2.96 11.84
C LEU A 117 14.56 3.15 12.75
N GLU A 118 15.46 2.16 12.81
CA GLU A 118 16.65 2.22 13.67
C GLU A 118 17.66 3.24 13.14
N HIS A 119 17.49 3.65 11.89
CA HIS A 119 18.30 4.70 11.28
C HIS A 119 17.57 6.04 11.33
N ASN A 120 16.38 6.06 11.94
CA ASN A 120 15.60 7.29 12.03
C ASN A 120 15.37 7.96 10.67
N TYR A 121 15.06 7.19 9.63
CA TYR A 121 14.84 7.77 8.30
C TYR A 121 13.49 8.45 8.16
N SER A 122 13.50 9.61 7.50
CA SER A 122 12.29 10.37 7.25
C SER A 122 11.70 9.95 5.91
N ARG A 123 10.62 10.62 5.50
CA ARG A 123 9.96 10.39 4.23
C ARG A 123 10.84 10.77 3.03
N ASP A 124 11.92 11.47 3.28
CA ASP A 124 12.83 11.88 2.19
C ASP A 124 13.86 10.78 1.86
N VAL A 125 13.87 9.68 2.60
CA VAL A 125 14.81 8.60 2.32
C VAL A 125 14.52 8.00 0.95
N VAL A 126 15.55 7.47 0.31
CA VAL A 126 15.35 6.76 -0.95
C VAL A 126 15.79 5.31 -0.75
N VAL A 127 14.90 4.40 -1.10
CA VAL A 127 15.18 2.97 -0.99
C VAL A 127 15.51 2.39 -2.35
N ILE A 128 16.66 1.74 -2.44
CA ILE A 128 17.09 1.07 -3.66
C ILE A 128 16.89 -0.45 -3.53
N ALA A 129 16.08 -1.04 -4.42
CA ALA A 129 15.89 -2.48 -4.43
C ALA A 129 16.89 -3.07 -5.43
N LEU A 130 17.94 -3.71 -4.90
CA LEU A 130 18.98 -4.31 -5.72
C LEU A 130 18.90 -5.82 -5.61
N GLY A 131 18.44 -6.47 -6.68
CA GLY A 131 18.30 -7.94 -6.67
C GLY A 131 17.31 -8.42 -7.73
N GLY A 132 16.82 -9.63 -7.54
CA GLY A 132 15.85 -10.22 -8.46
C GLY A 132 14.43 -9.82 -8.09
N GLY A 133 13.46 -10.58 -8.58
CA GLY A 133 12.05 -10.32 -8.33
C GLY A 133 11.64 -10.40 -6.88
N VAL A 134 12.29 -11.28 -6.12
CA VAL A 134 11.97 -11.43 -4.69
C VAL A 134 12.26 -10.11 -3.95
N ILE A 135 13.44 -9.55 -4.19
CA ILE A 135 13.80 -8.27 -3.58
C ILE A 135 12.93 -7.17 -4.15
N GLY A 136 12.70 -7.21 -5.46
CA GLY A 136 11.90 -6.19 -6.13
C GLY A 136 10.52 -6.06 -5.53
N ASP A 137 9.83 -7.18 -5.34
CA ASP A 137 8.49 -7.17 -4.76
C ASP A 137 8.47 -6.78 -3.30
N LEU A 138 9.35 -7.37 -2.52
CA LEU A 138 9.35 -7.17 -1.09
C LEU A 138 9.79 -5.77 -0.70
N VAL A 139 10.92 -5.32 -1.26
CA VAL A 139 11.43 -4.00 -0.94
C VAL A 139 10.48 -2.97 -1.51
N GLY A 140 9.88 -3.28 -2.65
CA GLY A 140 8.88 -2.39 -3.25
C GLY A 140 7.73 -2.19 -2.28
N PHE A 141 7.25 -3.28 -1.71
CA PHE A 141 6.14 -3.21 -0.76
C PHE A 141 6.58 -2.45 0.51
N ALA A 142 7.85 -2.63 0.88
CA ALA A 142 8.45 -1.91 2.01
C ALA A 142 8.42 -0.41 1.73
N ALA A 143 8.90 -0.03 0.54
CA ALA A 143 8.94 1.37 0.12
C ALA A 143 7.54 1.98 0.12
N ALA A 144 6.57 1.17 -0.30
CA ALA A 144 5.17 1.60 -0.37
C ALA A 144 4.55 1.90 1.00
N CYS A 145 4.95 1.16 2.03
CA CYS A 145 4.33 1.30 3.34
C CYS A 145 5.09 2.12 4.39
N TYR A 146 6.41 2.26 4.26
CA TYR A 146 7.19 3.03 5.23
C TYR A 146 6.73 4.47 5.19
N GLN A 147 6.22 4.93 6.32
CA GLN A 147 5.66 6.28 6.42
C GLN A 147 4.70 6.55 5.26
N ARG A 148 3.97 5.51 4.87
CA ARG A 148 2.96 5.56 3.82
C ARG A 148 3.47 5.84 2.42
N GLY A 149 4.76 5.62 2.21
CA GLY A 149 5.32 5.79 0.88
C GLY A 149 6.55 6.67 0.80
N VAL A 150 7.66 6.08 0.38
CA VAL A 150 8.90 6.79 0.18
C VAL A 150 9.38 6.40 -1.22
N ASP A 151 10.28 7.18 -1.79
CA ASP A 151 10.80 6.92 -3.13
C ASP A 151 11.66 5.65 -3.19
N PHE A 152 11.45 4.82 -4.20
CA PHE A 152 12.33 3.67 -4.33
C PHE A 152 12.78 3.52 -5.79
N ILE A 153 14.03 3.10 -5.94
CA ILE A 153 14.64 2.89 -7.25
C ILE A 153 14.80 1.39 -7.38
N GLN A 154 14.42 0.87 -8.53
CA GLN A 154 14.48 -0.55 -8.76
C GLN A 154 15.65 -0.87 -9.67
N ILE A 155 16.54 -1.75 -9.19
CA ILE A 155 17.69 -2.20 -9.95
C ILE A 155 17.62 -3.72 -10.03
N PRO A 156 16.82 -4.24 -10.96
CA PRO A 156 16.62 -5.67 -11.12
C PRO A 156 17.86 -6.34 -11.69
N THR A 157 18.29 -7.43 -11.07
CA THR A 157 19.51 -8.10 -11.47
C THR A 157 19.33 -9.48 -12.10
N THR A 158 18.09 -9.93 -12.25
CA THR A 158 17.81 -11.19 -12.94
C THR A 158 17.08 -10.84 -14.23
N LEU A 159 17.19 -11.70 -15.23
CA LEU A 159 16.54 -11.44 -16.51
C LEU A 159 15.02 -11.35 -16.34
N LEU A 160 14.48 -12.24 -15.52
CA LEU A 160 13.04 -12.29 -15.29
C LEU A 160 12.54 -10.99 -14.66
N SER A 161 13.21 -10.52 -13.62
CA SER A 161 12.79 -9.27 -12.97
C SER A 161 12.90 -8.09 -13.95
N GLN A 162 13.94 -8.07 -14.75
CA GLN A 162 14.14 -6.99 -15.73
C GLN A 162 13.01 -6.90 -16.74
N VAL A 163 12.47 -8.04 -17.17
CA VAL A 163 11.40 -8.03 -18.18
C VAL A 163 9.98 -8.17 -17.67
N ASP A 164 9.82 -8.57 -16.41
CA ASP A 164 8.49 -8.71 -15.79
C ASP A 164 8.21 -7.76 -14.61
N SER A 165 9.23 -7.33 -13.89
CA SER A 165 9.01 -6.49 -12.70
C SER A 165 9.14 -4.99 -12.95
N SER A 166 9.89 -4.63 -13.97
CA SER A 166 10.14 -3.23 -14.26
C SER A 166 8.90 -2.42 -14.63
N VAL A 167 7.82 -3.11 -15.00
CA VAL A 167 6.59 -2.45 -15.36
C VAL A 167 5.42 -3.19 -14.75
N GLY A 168 4.44 -2.45 -14.25
CA GLY A 168 3.25 -3.07 -13.66
C GLY A 168 2.87 -2.59 -12.26
N GLY A 169 3.83 -2.03 -11.54
CA GLY A 169 3.59 -1.54 -10.19
C GLY A 169 3.25 -2.57 -9.12
N LYS A 170 3.27 -3.85 -9.46
CA LYS A 170 2.93 -4.86 -8.47
C LYS A 170 4.03 -5.13 -7.48
N THR A 171 3.72 -4.97 -6.21
CA THR A 171 4.64 -5.36 -5.14
C THR A 171 3.80 -6.27 -4.24
N ALA A 172 4.47 -7.17 -3.53
CA ALA A 172 3.77 -8.09 -2.64
C ALA A 172 4.72 -8.97 -1.86
N VAL A 173 4.14 -9.65 -0.86
CA VAL A 173 4.82 -10.64 -0.04
C VAL A 173 3.84 -11.80 0.08
N ASN A 174 4.36 -12.97 0.44
CA ASN A 174 3.54 -14.15 0.60
C ASN A 174 2.97 -14.27 2.00
N HIS A 175 1.87 -15.01 2.10
CA HIS A 175 1.23 -15.34 3.36
C HIS A 175 1.21 -16.86 3.34
N PRO A 176 1.32 -17.51 4.52
CA PRO A 176 1.29 -18.99 4.53
C PRO A 176 0.12 -19.61 3.76
N LEU A 177 -1.00 -18.91 3.65
CA LEU A 177 -2.16 -19.41 2.93
C LEU A 177 -2.29 -18.85 1.51
N GLY A 178 -1.28 -18.12 1.03
CA GLY A 178 -1.38 -17.56 -0.30
C GLY A 178 -0.18 -16.76 -0.73
N LYS A 179 0.26 -17.02 -1.96
CA LYS A 179 1.40 -16.37 -2.56
C LYS A 179 0.98 -14.99 -3.04
N ASN A 180 1.82 -13.99 -2.78
CA ASN A 180 1.55 -12.62 -3.22
C ASN A 180 0.13 -12.12 -2.90
N MET A 181 -0.34 -12.38 -1.68
CA MET A 181 -1.69 -11.94 -1.29
C MET A 181 -1.68 -10.67 -0.45
N ILE A 182 -0.48 -10.23 -0.06
CA ILE A 182 -0.33 -9.02 0.71
C ILE A 182 0.62 -8.14 -0.07
N GLY A 183 0.12 -7.02 -0.55
CA GLY A 183 0.96 -6.11 -1.33
C GLY A 183 0.31 -4.79 -1.67
N ALA A 184 0.84 -4.13 -2.70
CA ALA A 184 0.31 -2.83 -3.14
C ALA A 184 0.80 -2.50 -4.54
N PHE A 185 0.05 -1.60 -5.20
CA PHE A 185 0.46 -1.07 -6.49
C PHE A 185 1.27 0.18 -6.19
N TYR A 186 2.58 0.09 -6.39
CA TYR A 186 3.47 1.21 -6.09
C TYR A 186 4.50 1.31 -7.20
N GLN A 187 4.58 2.48 -7.80
CA GLN A 187 5.48 2.73 -8.90
C GLN A 187 6.82 3.23 -8.40
N PRO A 188 7.90 2.81 -9.05
CA PRO A 188 9.22 3.32 -8.67
C PRO A 188 9.50 4.69 -9.32
N LYS A 189 10.48 5.44 -8.80
CA LYS A 189 10.87 6.72 -9.39
C LYS A 189 11.69 6.46 -10.63
N ALA A 190 12.41 5.35 -10.63
CA ALA A 190 13.26 5.00 -11.75
C ALA A 190 13.60 3.51 -11.73
N VAL A 191 13.94 3.00 -12.91
CA VAL A 191 14.38 1.62 -13.01
C VAL A 191 15.71 1.64 -13.74
N VAL A 192 16.71 0.97 -13.18
CA VAL A 192 18.03 0.93 -13.81
C VAL A 192 18.42 -0.52 -14.10
N ILE A 193 18.60 -0.82 -15.38
CA ILE A 193 18.96 -2.16 -15.81
C ILE A 193 20.32 -2.19 -16.48
N ASP A 194 21.33 -2.64 -15.74
CA ASP A 194 22.68 -2.81 -16.28
C ASP A 194 22.81 -4.26 -16.74
N THR A 195 22.75 -4.48 -18.06
CA THR A 195 22.84 -5.82 -18.66
C THR A 195 24.11 -6.63 -18.30
N ASP A 196 25.18 -5.94 -17.87
CA ASP A 196 26.40 -6.62 -17.43
C ASP A 196 26.13 -7.54 -16.23
N CYS A 197 25.15 -7.20 -15.40
CA CYS A 197 24.89 -8.00 -14.21
C CYS A 197 24.42 -9.42 -14.56
N LEU A 198 23.96 -9.65 -15.79
CA LEU A 198 23.54 -10.98 -16.22
C LEU A 198 24.73 -11.93 -16.34
N THR A 199 25.93 -11.37 -16.44
CA THR A 199 27.13 -12.17 -16.57
C THR A 199 27.33 -13.13 -15.38
N THR A 200 26.93 -12.72 -14.19
CA THR A 200 27.06 -13.55 -12.99
C THR A 200 25.83 -14.38 -12.66
N LEU A 201 24.75 -14.21 -13.41
CA LEU A 201 23.51 -14.93 -13.16
C LEU A 201 23.67 -16.39 -13.59
N PRO A 202 23.36 -17.36 -12.68
CA PRO A 202 23.45 -18.77 -13.04
C PRO A 202 22.70 -19.07 -14.33
N ALA A 203 23.28 -19.97 -15.13
CA ALA A 203 22.69 -20.36 -16.41
C ALA A 203 21.20 -20.70 -16.29
N ARG A 204 20.82 -21.45 -15.26
CA ARG A 204 19.42 -21.82 -15.08
C ARG A 204 18.49 -20.63 -14.92
N GLU A 205 18.89 -19.65 -14.10
CA GLU A 205 18.11 -18.44 -13.87
C GLU A 205 17.97 -17.60 -15.14
N PHE A 206 19.03 -17.57 -15.93
CA PHE A 206 19.02 -16.83 -17.18
C PHE A 206 17.96 -17.41 -18.11
N ALA A 207 17.99 -18.73 -18.25
CA ALA A 207 17.06 -19.42 -19.13
C ALA A 207 15.63 -19.23 -18.66
N ALA A 208 15.42 -19.31 -17.34
CA ALA A 208 14.08 -19.13 -16.76
C ALA A 208 13.56 -17.76 -17.18
N GLY A 209 14.46 -16.78 -17.19
CA GLY A 209 14.14 -15.43 -17.64
C GLY A 209 13.70 -15.42 -19.08
N MET A 210 14.39 -16.20 -19.93
CA MET A 210 14.03 -16.31 -21.36
C MET A 210 12.65 -16.86 -21.59
N ALA A 211 12.20 -17.75 -20.72
CA ALA A 211 10.87 -18.30 -20.88
C ALA A 211 9.83 -17.13 -20.92
N GLU A 212 10.09 -16.07 -20.16
CA GLU A 212 9.20 -14.90 -20.12
C GLU A 212 9.41 -13.99 -21.33
N VAL A 213 10.66 -13.86 -21.78
CA VAL A 213 10.94 -13.05 -22.96
C VAL A 213 10.20 -13.64 -24.15
N ILE A 214 10.35 -14.96 -24.31
CA ILE A 214 9.67 -15.68 -25.38
C ILE A 214 8.15 -15.56 -25.25
N LYS A 215 7.67 -15.54 -24.01
CA LYS A 215 6.26 -15.41 -23.74
C LYS A 215 5.70 -14.19 -24.49
N TYR A 216 6.36 -13.05 -24.36
CA TYR A 216 5.89 -11.84 -25.03
C TYR A 216 5.72 -12.02 -26.52
N GLY A 217 6.65 -12.72 -27.17
CA GLY A 217 6.56 -12.98 -28.61
C GLY A 217 5.36 -13.84 -28.98
N ILE A 218 5.15 -14.91 -28.22
CA ILE A 218 4.04 -15.83 -28.47
C ILE A 218 2.67 -15.17 -28.34
N ILE A 219 2.47 -14.44 -27.24
CA ILE A 219 1.15 -13.90 -26.96
C ILE A 219 0.81 -12.52 -27.53
N TYR A 220 1.79 -11.64 -27.72
CA TYR A 220 1.48 -10.29 -28.21
C TYR A 220 2.17 -9.81 -29.47
N ASP A 221 3.36 -10.31 -29.79
CA ASP A 221 4.09 -9.75 -30.93
C ASP A 221 4.83 -10.77 -31.81
N SER A 222 4.37 -10.90 -33.04
CA SER A 222 4.93 -11.81 -34.04
C SER A 222 6.34 -11.44 -34.48
N ALA A 223 6.57 -10.17 -34.76
CA ALA A 223 7.90 -9.69 -35.20
C ALA A 223 9.00 -10.00 -34.17
N PHE A 224 8.68 -9.76 -32.91
CA PHE A 224 9.62 -9.98 -31.83
C PHE A 224 9.90 -11.46 -31.66
N PHE A 225 8.92 -12.31 -31.96
CA PHE A 225 9.12 -13.77 -31.85
C PHE A 225 10.16 -14.17 -32.89
N ASP A 226 9.96 -13.69 -34.12
CA ASP A 226 10.87 -13.95 -35.23
C ASP A 226 12.26 -13.47 -34.86
N TRP A 227 12.33 -12.28 -34.30
CA TRP A 227 13.59 -11.70 -33.88
C TRP A 227 14.27 -12.57 -32.82
N LEU A 228 13.49 -13.06 -31.86
CA LEU A 228 14.02 -13.94 -30.84
C LEU A 228 14.59 -15.23 -31.46
N GLU A 229 13.90 -15.79 -32.45
CA GLU A 229 14.42 -17.00 -33.13
C GLU A 229 15.77 -16.74 -33.78
N ALA A 230 15.88 -15.61 -34.45
CA ALA A 230 17.11 -15.25 -35.13
C ALA A 230 18.28 -14.97 -34.18
N GLN A 231 18.03 -14.23 -33.09
CA GLN A 231 19.10 -13.81 -32.19
C GLN A 231 19.27 -14.58 -30.88
N MET A 232 18.59 -15.71 -30.72
CA MET A 232 18.66 -16.46 -29.45
C MET A 232 20.10 -16.77 -29.04
N GLU A 233 20.93 -17.15 -30.00
CA GLU A 233 22.32 -17.51 -29.73
C GLU A 233 23.16 -16.30 -29.30
N ALA A 234 22.87 -15.14 -29.86
CA ALA A 234 23.55 -13.93 -29.47
C ALA A 234 23.18 -13.60 -28.01
N LEU A 235 21.89 -13.74 -27.69
CA LEU A 235 21.40 -13.51 -26.33
C LEU A 235 22.15 -14.38 -25.34
N TYR A 236 22.28 -15.67 -25.66
CA TYR A 236 23.02 -16.58 -24.76
C TYR A 236 24.52 -16.30 -24.69
N ALA A 237 25.06 -15.63 -25.71
CA ALA A 237 26.46 -15.24 -25.72
C ALA A 237 26.60 -13.90 -24.99
N LEU A 238 25.48 -13.43 -24.43
CA LEU A 238 25.40 -12.16 -23.67
C LEU A 238 25.81 -10.95 -24.49
N ASP A 239 25.36 -10.92 -25.74
CA ASP A 239 25.65 -9.79 -26.63
C ASP A 239 24.96 -8.54 -26.11
N GLU A 240 25.70 -7.46 -25.93
CA GLU A 240 25.15 -6.22 -25.38
C GLU A 240 23.97 -5.63 -26.18
N GLN A 241 24.10 -5.58 -27.50
CA GLN A 241 23.03 -5.04 -28.34
C GLN A 241 21.79 -5.92 -28.24
N ALA A 242 21.98 -7.23 -28.35
CA ALA A 242 20.85 -8.17 -28.25
C ALA A 242 20.11 -8.02 -26.91
N LEU A 243 20.85 -8.06 -25.80
CA LEU A 243 20.26 -7.92 -24.47
C LEU A 243 19.47 -6.63 -24.35
N THR A 244 20.09 -5.50 -24.70
CA THR A 244 19.38 -4.23 -24.62
C THR A 244 18.09 -4.23 -25.43
N TYR A 245 18.11 -4.74 -26.65
CA TYR A 245 16.90 -4.73 -27.48
C TYR A 245 15.81 -5.66 -26.91
N ALA A 246 16.21 -6.86 -26.54
CA ALA A 246 15.27 -7.84 -25.99
C ALA A 246 14.54 -7.30 -24.74
N ILE A 247 15.33 -6.83 -23.77
CA ILE A 247 14.76 -6.33 -22.53
C ILE A 247 13.94 -5.05 -22.78
N ALA A 248 14.44 -4.16 -23.65
CA ALA A 248 13.69 -2.91 -23.93
C ALA A 248 12.36 -3.23 -24.58
N ARG A 249 12.37 -4.20 -25.48
CA ARG A 249 11.14 -4.58 -26.17
C ARG A 249 10.12 -5.18 -25.21
N CYS A 250 10.57 -6.03 -24.28
CA CYS A 250 9.66 -6.64 -23.32
C CYS A 250 9.01 -5.56 -22.46
N CYS A 251 9.79 -4.57 -22.04
CA CYS A 251 9.25 -3.48 -21.21
C CYS A 251 8.23 -2.64 -22.00
N GLN A 252 8.50 -2.38 -23.28
CA GLN A 252 7.56 -1.62 -24.12
C GLN A 252 6.25 -2.38 -24.23
N ILE A 253 6.35 -3.67 -24.58
CA ILE A 253 5.16 -4.50 -24.74
C ILE A 253 4.30 -4.52 -23.47
N LYS A 254 4.93 -4.77 -22.32
CA LYS A 254 4.18 -4.82 -21.09
C LYS A 254 3.54 -3.49 -20.78
N ALA A 255 4.27 -2.41 -21.03
CA ALA A 255 3.76 -1.06 -20.80
C ALA A 255 2.47 -0.82 -21.60
N GLU A 256 2.39 -1.37 -22.81
CA GLU A 256 1.19 -1.21 -23.64
C GLU A 256 0.05 -2.07 -23.12
N VAL A 257 0.36 -3.33 -22.84
CA VAL A 257 -0.62 -4.28 -22.32
C VAL A 257 -1.27 -3.72 -21.05
N VAL A 258 -0.44 -3.18 -20.16
CA VAL A 258 -0.92 -2.61 -18.90
C VAL A 258 -1.79 -1.36 -19.11
N ALA A 259 -1.31 -0.43 -19.93
CA ALA A 259 -2.05 0.80 -20.19
C ALA A 259 -3.36 0.47 -20.90
N GLN A 260 -3.34 -0.58 -21.71
CA GLN A 260 -4.52 -1.02 -22.46
C GLN A 260 -5.51 -1.79 -21.55
N ASP A 261 -5.00 -2.37 -20.46
CA ASP A 261 -5.81 -3.12 -19.51
C ASP A 261 -6.65 -2.17 -18.65
N GLU A 262 -6.13 -0.97 -18.41
CA GLU A 262 -6.84 0.07 -17.63
C GLU A 262 -8.11 0.44 -18.39
N LYS A 263 -8.02 0.41 -19.73
CA LYS A 263 -9.16 0.63 -20.62
C LYS A 263 -9.80 -0.73 -20.91
N GLY A 266 -8.59 -8.43 -18.35
CA GLY A 266 -8.82 -8.47 -19.79
C GLY A 266 -7.58 -8.94 -20.55
N ILE A 267 -6.92 -8.01 -21.25
CA ILE A 267 -5.73 -8.31 -22.05
C ILE A 267 -4.48 -8.65 -21.20
N ARG A 268 -4.40 -8.10 -19.99
CA ARG A 268 -3.27 -8.35 -19.12
C ARG A 268 -3.20 -9.82 -18.66
N ALA A 269 -4.35 -10.47 -18.60
CA ALA A 269 -4.44 -11.87 -18.17
C ALA A 269 -3.76 -12.85 -19.14
N LEU A 270 -3.55 -12.40 -20.37
CA LEU A 270 -2.89 -13.24 -21.38
C LEU A 270 -1.43 -13.51 -21.00
N LEU A 271 -0.90 -12.74 -20.05
CA LEU A 271 0.47 -12.93 -19.57
C LEU A 271 0.62 -14.24 -18.80
N ASN A 272 -0.48 -14.90 -18.47
CA ASN A 272 -0.46 -16.17 -17.74
C ASN A 272 -0.30 -17.41 -18.61
N LEU A 273 0.09 -17.24 -19.87
CA LEU A 273 0.30 -18.37 -20.74
C LEU A 273 1.22 -19.39 -20.06
N GLY A 274 0.68 -20.58 -19.79
CA GLY A 274 1.45 -21.67 -19.16
C GLY A 274 1.42 -21.80 -17.64
N HIS A 275 0.97 -20.75 -16.94
CA HIS A 275 0.93 -20.73 -15.46
C HIS A 275 0.08 -21.83 -14.80
N THR A 276 -1.05 -22.17 -15.42
CA THR A 276 -1.91 -23.24 -14.92
C THR A 276 -1.14 -24.57 -14.85
N PHE A 277 -0.65 -25.03 -15.99
CA PHE A 277 0.14 -26.25 -16.05
C PHE A 277 1.36 -26.06 -15.21
N GLY A 278 1.92 -24.87 -15.30
CA GLY A 278 3.13 -24.48 -14.58
C GLY A 278 3.07 -24.66 -13.09
N HIS A 279 2.05 -24.08 -12.46
N HIS A 279 2.05 -24.08 -12.47
CA HIS A 279 1.91 -24.18 -11.00
CA HIS A 279 1.89 -24.16 -11.01
C HIS A 279 1.73 -25.62 -10.56
C HIS A 279 1.71 -25.61 -10.56
N ALA A 280 1.08 -26.43 -11.41
CA ALA A 280 0.87 -27.84 -11.12
C ALA A 280 2.21 -28.56 -11.01
N ILE A 281 3.14 -28.18 -11.89
CA ILE A 281 4.47 -28.76 -11.88
C ILE A 281 5.21 -28.29 -10.63
N GLU A 282 5.17 -27.00 -10.38
CA GLU A 282 5.83 -26.44 -9.20
C GLU A 282 5.31 -27.02 -7.91
N ALA A 283 3.99 -27.15 -7.81
CA ALA A 283 3.36 -27.71 -6.61
C ALA A 283 3.78 -29.16 -6.42
N HIS A 284 3.71 -29.94 -7.49
CA HIS A 284 4.07 -31.35 -7.45
C HIS A 284 5.56 -31.58 -7.14
N MET A 285 6.45 -30.89 -7.85
CA MET A 285 7.90 -31.08 -7.69
C MET A 285 8.51 -30.59 -6.38
N GLY A 286 7.80 -29.71 -5.66
CA GLY A 286 8.29 -29.22 -4.37
C GLY A 286 9.06 -27.91 -4.43
N TYR A 287 9.14 -27.25 -3.27
CA TYR A 287 9.80 -25.95 -3.14
C TYR A 287 11.16 -25.84 -3.83
N GLY A 288 11.27 -24.83 -4.70
CA GLY A 288 12.52 -24.50 -5.41
C GLY A 288 13.31 -25.61 -6.05
N ASN A 289 12.61 -26.59 -6.61
CA ASN A 289 13.24 -27.70 -7.29
C ASN A 289 13.31 -27.28 -8.76
N TRP A 290 12.15 -26.94 -9.31
CA TRP A 290 12.03 -26.41 -10.65
C TRP A 290 11.96 -24.90 -10.50
N LEU A 291 12.66 -24.14 -11.33
CA LEU A 291 12.56 -22.69 -11.26
C LEU A 291 11.23 -22.32 -11.91
N HIS A 292 10.63 -21.21 -11.50
CA HIS A 292 9.34 -20.80 -12.04
C HIS A 292 9.34 -20.76 -13.57
N GLY A 293 10.39 -20.16 -14.14
CA GLY A 293 10.54 -20.06 -15.59
C GLY A 293 10.59 -21.43 -16.25
N GLU A 294 11.18 -22.42 -15.59
CA GLU A 294 11.25 -23.79 -16.11
C GLU A 294 9.86 -24.41 -16.18
N ALA A 295 9.12 -24.31 -15.07
CA ALA A 295 7.75 -24.85 -15.06
C ALA A 295 6.89 -24.13 -16.10
N VAL A 296 7.16 -22.82 -16.28
CA VAL A 296 6.42 -22.01 -17.26
C VAL A 296 6.70 -22.47 -18.68
N SER A 297 7.95 -22.85 -18.94
CA SER A 297 8.35 -23.32 -20.25
C SER A 297 7.63 -24.60 -20.60
N ALA A 298 7.71 -25.60 -19.74
CA ALA A 298 7.02 -26.87 -20.03
C ALA A 298 5.52 -26.62 -20.06
N GLY A 299 5.04 -25.71 -19.20
CA GLY A 299 3.63 -25.35 -19.16
C GLY A 299 3.19 -24.73 -20.49
N THR A 300 4.04 -23.86 -21.02
CA THR A 300 3.76 -23.20 -22.30
C THR A 300 3.65 -24.21 -23.43
N VAL A 301 4.50 -25.22 -23.41
CA VAL A 301 4.48 -26.25 -24.43
C VAL A 301 3.19 -27.07 -24.33
N MET A 302 2.75 -27.35 -23.11
CA MET A 302 1.50 -28.08 -22.91
C MET A 302 0.31 -27.23 -23.37
N ALA A 303 0.37 -25.94 -23.08
CA ALA A 303 -0.69 -25.04 -23.49
C ALA A 303 -0.72 -24.99 -25.01
N ALA A 304 0.44 -24.82 -25.61
CA ALA A 304 0.55 -24.77 -27.07
C ALA A 304 0.00 -26.04 -27.73
N LYS A 305 0.30 -27.20 -27.15
CA LYS A 305 -0.20 -28.45 -27.74
C LYS A 305 -1.72 -28.54 -27.60
N THR A 306 -2.23 -28.20 -26.41
CA THR A 306 -3.68 -28.21 -26.17
C THR A 306 -4.35 -27.31 -27.20
N ALA A 307 -3.69 -26.21 -27.51
CA ALA A 307 -4.19 -25.25 -28.47
C ALA A 307 -4.21 -25.88 -29.86
N GLN A 308 -3.17 -26.65 -30.19
CA GLN A 308 -3.06 -27.30 -31.50
C GLN A 308 -4.18 -28.31 -31.70
N LEU A 309 -4.44 -29.12 -30.68
CA LEU A 309 -5.51 -30.12 -30.74
C LEU A 309 -6.88 -29.46 -30.88
N GLN A 310 -7.07 -28.30 -30.26
CA GLN A 310 -8.35 -27.58 -30.35
C GLN A 310 -8.46 -26.80 -31.66
N GLY A 311 -7.42 -26.86 -32.48
CA GLY A 311 -7.40 -26.13 -33.75
C GLY A 311 -7.06 -24.65 -33.62
N LEU A 312 -6.71 -24.21 -32.42
CA LEU A 312 -6.38 -22.81 -32.19
C LEU A 312 -5.06 -22.39 -32.88
N ILE A 313 -4.13 -23.33 -33.03
CA ILE A 313 -2.86 -23.09 -33.75
C ILE A 313 -2.60 -24.33 -34.62
N ASP A 314 -1.67 -24.25 -35.56
CA ASP A 314 -1.36 -25.41 -36.39
C ASP A 314 -0.05 -26.08 -35.94
N ALA A 315 0.17 -27.28 -36.48
CA ALA A 315 1.36 -28.09 -36.16
C ALA A 315 2.69 -27.35 -36.29
N SER A 316 2.89 -26.62 -37.39
CA SER A 316 4.17 -25.91 -37.57
C SER A 316 4.35 -24.81 -36.54
N GLN A 317 3.24 -24.20 -36.12
CA GLN A 317 3.31 -23.14 -35.11
C GLN A 317 3.67 -23.74 -33.77
N PHE A 318 3.13 -24.92 -33.47
CA PHE A 318 3.48 -25.60 -32.25
C PHE A 318 4.97 -25.93 -32.19
N GLU A 319 5.51 -26.35 -33.34
CA GLU A 319 6.92 -26.72 -33.45
C GLU A 319 7.88 -25.53 -33.29
N ARG A 320 7.49 -24.35 -33.77
CA ARG A 320 8.38 -23.19 -33.64
C ARG A 320 8.49 -22.79 -32.17
N ILE A 321 7.38 -22.95 -31.44
CA ILE A 321 7.35 -22.65 -30.01
C ILE A 321 8.23 -23.67 -29.28
N LEU A 322 8.01 -24.94 -29.60
CA LEU A 322 8.81 -26.03 -29.03
C LEU A 322 10.29 -25.81 -29.33
N ALA A 323 10.58 -25.52 -30.59
CA ALA A 323 11.96 -25.30 -31.04
C ALA A 323 12.68 -24.13 -30.39
N ILE A 324 12.00 -23.00 -30.21
CA ILE A 324 12.64 -21.82 -29.62
C ILE A 324 12.93 -22.02 -28.12
N LEU A 325 12.03 -22.71 -27.43
CA LEU A 325 12.22 -23.00 -25.98
C LEU A 325 13.40 -23.98 -25.78
N LYS A 326 13.58 -24.93 -26.71
CA LYS A 326 14.74 -25.86 -26.62
C LYS A 326 16.01 -25.11 -26.95
N LYS A 327 15.93 -24.18 -27.90
CA LYS A 327 17.09 -23.39 -28.28
C LYS A 327 17.53 -22.53 -27.10
N ALA A 328 16.58 -22.22 -26.21
CA ALA A 328 16.86 -21.43 -25.01
C ALA A 328 17.34 -22.30 -23.82
N HIS A 329 17.57 -23.58 -24.10
CA HIS A 329 18.02 -24.56 -23.10
C HIS A 329 17.01 -24.74 -21.97
N LEU A 330 15.72 -24.69 -22.27
CA LEU A 330 14.69 -24.85 -21.26
C LEU A 330 13.99 -26.21 -21.35
N PRO A 331 13.49 -26.73 -20.22
CA PRO A 331 12.74 -27.98 -20.22
C PRO A 331 11.41 -27.74 -20.90
N VAL A 332 11.04 -28.64 -21.79
CA VAL A 332 9.82 -28.53 -22.55
C VAL A 332 8.89 -29.75 -22.42
N ARG A 333 9.29 -30.73 -21.61
CA ARG A 333 8.52 -31.96 -21.44
C ARG A 333 7.80 -32.12 -20.11
N THR A 334 6.73 -32.89 -20.15
CA THR A 334 5.98 -33.23 -18.96
C THR A 334 6.96 -33.96 -18.07
N PRO A 335 7.02 -33.61 -16.77
CA PRO A 335 7.94 -34.34 -15.90
C PRO A 335 7.64 -35.83 -15.98
N GLU A 336 8.69 -36.64 -16.04
CA GLU A 336 8.56 -38.09 -16.18
C GLU A 336 7.83 -38.79 -15.01
N ASN A 337 8.09 -38.33 -13.80
CA ASN A 337 7.51 -38.91 -12.60
C ASN A 337 6.14 -38.36 -12.20
N MET A 338 5.54 -37.53 -13.06
CA MET A 338 4.28 -36.86 -12.75
C MET A 338 3.16 -37.31 -13.70
N THR A 339 2.11 -37.93 -13.15
CA THR A 339 0.99 -38.45 -13.94
C THR A 339 -0.10 -37.42 -14.26
N PHE A 340 -1.03 -37.81 -15.12
CA PHE A 340 -2.15 -36.93 -15.48
C PHE A 340 -2.98 -36.59 -14.25
N ALA A 341 -3.23 -37.61 -13.43
CA ALA A 341 -3.96 -37.45 -12.17
C ALA A 341 -3.28 -36.40 -11.31
N ASP A 342 -1.95 -36.41 -11.31
CA ASP A 342 -1.18 -35.43 -10.54
C ASP A 342 -1.52 -34.00 -10.97
N PHE A 343 -1.59 -33.77 -12.28
CA PHE A 343 -1.94 -32.45 -12.80
C PHE A 343 -3.35 -32.09 -12.37
N MET A 344 -4.28 -33.01 -12.54
CA MET A 344 -5.65 -32.75 -12.18
C MET A 344 -5.88 -32.45 -10.70
N GLN A 345 -5.07 -33.00 -9.80
CA GLN A 345 -5.28 -32.75 -8.40
C GLN A 345 -4.97 -31.31 -8.07
N HIS A 346 -4.05 -30.73 -8.83
CA HIS A 346 -3.67 -29.34 -8.62
C HIS A 346 -4.49 -28.38 -9.47
N MET A 347 -4.68 -28.71 -10.73
CA MET A 347 -5.45 -27.85 -11.62
C MET A 347 -6.95 -27.88 -11.30
N MET A 348 -7.46 -29.04 -10.83
CA MET A 348 -8.89 -29.18 -10.51
C MET A 348 -9.23 -29.29 -9.02
N ARG A 349 -8.94 -30.44 -8.41
CA ARG A 349 -9.33 -30.72 -7.02
C ARG A 349 -9.01 -29.60 -6.04
N ASP A 350 -7.75 -29.19 -6.01
CA ASP A 350 -7.31 -28.16 -5.07
C ASP A 350 -7.84 -26.74 -5.39
N LYS A 351 -8.11 -26.45 -6.66
CA LYS A 351 -8.65 -25.12 -7.03
C LYS A 351 -10.19 -25.12 -7.13
N LYS A 352 -10.84 -26.18 -6.66
CA LYS A 352 -12.31 -26.28 -6.70
C LYS A 352 -12.88 -26.10 -8.11
N VAL A 353 -12.12 -26.51 -9.11
CA VAL A 353 -12.53 -26.43 -10.52
C VAL A 353 -13.03 -27.81 -10.93
N LEU A 354 -14.34 -27.91 -11.19
CA LEU A 354 -14.98 -29.17 -11.55
C LEU A 354 -14.82 -29.48 -13.03
N ALA A 355 -15.20 -30.69 -13.42
CA ALA A 355 -15.09 -31.10 -14.81
C ALA A 355 -15.87 -30.16 -15.71
N GLY A 356 -15.25 -29.76 -16.83
CA GLY A 356 -15.86 -28.86 -17.79
C GLY A 356 -15.64 -27.40 -17.43
N GLU A 357 -14.92 -27.14 -16.35
CA GLU A 357 -14.71 -25.77 -15.90
C GLU A 357 -13.28 -25.24 -16.10
N LEU A 358 -12.37 -26.07 -16.58
CA LEU A 358 -10.99 -25.61 -16.76
C LEU A 358 -10.93 -24.36 -17.64
N ARG A 359 -10.08 -23.43 -17.22
CA ARG A 359 -9.87 -22.16 -17.89
C ARG A 359 -8.38 -22.06 -18.18
N LEU A 360 -8.02 -21.81 -19.43
CA LEU A 360 -6.62 -21.73 -19.82
C LEU A 360 -6.36 -20.64 -20.81
N VAL A 361 -5.21 -19.99 -20.67
CA VAL A 361 -4.79 -19.02 -21.66
C VAL A 361 -4.10 -19.85 -22.75
N LEU A 362 -4.61 -19.77 -23.97
CA LEU A 362 -4.04 -20.54 -25.07
C LEU A 362 -3.66 -19.65 -26.23
N PRO A 363 -2.57 -20.00 -26.93
CA PRO A 363 -2.19 -19.21 -28.07
C PRO A 363 -3.14 -19.46 -29.23
N THR A 364 -3.40 -18.41 -30.01
CA THR A 364 -4.27 -18.49 -31.20
C THR A 364 -3.43 -18.28 -32.47
N SER A 365 -2.11 -18.18 -32.29
CA SER A 365 -1.13 -18.04 -33.38
C SER A 365 0.17 -17.60 -32.74
N ILE A 366 1.19 -17.36 -33.55
CA ILE A 366 2.43 -16.86 -32.99
C ILE A 366 2.32 -15.35 -33.01
N GLY A 367 1.83 -14.79 -31.90
CA GLY A 367 1.64 -13.35 -31.77
C GLY A 367 0.28 -12.92 -31.26
N THR A 368 -0.65 -13.86 -31.08
CA THR A 368 -1.98 -13.59 -30.54
C THR A 368 -2.40 -14.74 -29.61
N SER A 369 -3.28 -14.45 -28.65
CA SER A 369 -3.75 -15.45 -27.70
C SER A 369 -5.09 -15.06 -27.14
N ALA A 370 -5.72 -15.99 -26.42
CA ALA A 370 -7.03 -15.77 -25.84
C ALA A 370 -7.24 -16.64 -24.62
N VAL A 371 -8.21 -16.27 -23.79
CA VAL A 371 -8.57 -17.06 -22.63
C VAL A 371 -9.66 -18.00 -23.13
N VAL A 372 -9.47 -19.29 -22.93
CA VAL A 372 -10.41 -20.27 -23.41
C VAL A 372 -10.91 -21.12 -22.26
N LYS A 373 -12.22 -21.31 -22.20
CA LYS A 373 -12.84 -22.06 -21.13
C LYS A 373 -13.50 -23.31 -21.66
N GLY A 374 -13.77 -24.25 -20.76
CA GLY A 374 -14.44 -25.49 -21.12
C GLY A 374 -13.61 -26.48 -21.93
N VAL A 375 -12.31 -26.24 -22.02
CA VAL A 375 -11.43 -27.14 -22.75
C VAL A 375 -11.64 -28.51 -22.12
N PRO A 376 -12.09 -29.49 -22.94
CA PRO A 376 -12.33 -30.83 -22.39
C PRO A 376 -11.10 -31.47 -21.77
N GLU A 377 -11.29 -32.16 -20.63
CA GLU A 377 -10.19 -32.83 -19.94
C GLU A 377 -9.50 -33.86 -20.82
N ALA A 378 -10.24 -34.42 -21.78
CA ALA A 378 -9.66 -35.43 -22.69
C ALA A 378 -8.57 -34.81 -23.58
N VAL A 379 -8.76 -33.56 -23.98
CA VAL A 379 -7.80 -32.86 -24.84
C VAL A 379 -6.56 -32.49 -24.01
N ILE A 380 -6.78 -31.99 -22.80
CA ILE A 380 -5.69 -31.63 -21.92
C ILE A 380 -4.90 -32.91 -21.61
N ALA A 381 -5.64 -33.99 -21.32
CA ALA A 381 -5.06 -35.29 -21.01
C ALA A 381 -4.12 -35.75 -22.12
N GLN A 382 -4.57 -35.69 -23.37
CA GLN A 382 -3.68 -36.14 -24.46
C GLN A 382 -2.51 -35.17 -24.69
N ALA A 383 -2.74 -33.87 -24.47
CA ALA A 383 -1.66 -32.88 -24.60
C ALA A 383 -0.56 -33.16 -23.56
N ILE A 384 -0.96 -33.45 -22.33
CA ILE A 384 -0.01 -33.77 -21.27
C ILE A 384 0.78 -35.03 -21.62
N GLU A 385 0.11 -36.01 -22.23
CA GLU A 385 0.75 -37.27 -22.61
C GLU A 385 1.69 -37.10 -23.78
N TYR A 386 1.25 -36.33 -24.77
CA TYR A 386 2.06 -36.08 -25.95
C TYR A 386 3.36 -35.35 -25.59
N CYS A 387 3.29 -34.46 -24.58
CA CYS A 387 4.45 -33.71 -24.16
C CYS A 387 5.44 -34.51 -23.32
N ARG A 388 5.21 -35.81 -23.14
CA ARG A 388 6.17 -36.62 -22.41
C ARG A 388 7.38 -36.91 -23.28
N THR A 389 7.18 -36.85 -24.60
CA THR A 389 8.27 -37.19 -25.52
C THR A 389 8.56 -36.17 -26.63
N VAL A 390 8.24 -34.90 -26.40
CA VAL A 390 8.52 -33.86 -27.39
C VAL A 390 10.01 -33.49 -27.39
N THR B 29 -33.08 14.35 7.20
CA THR B 29 -32.47 15.20 8.26
C THR B 29 -31.02 14.78 8.56
N MET B 30 -30.17 14.84 7.52
CA MET B 30 -28.77 14.49 7.64
C MET B 30 -27.99 15.22 6.56
N GLU B 31 -26.74 15.57 6.84
CA GLU B 31 -25.90 16.23 5.83
C GLU B 31 -25.00 15.20 5.15
N ARG B 32 -24.52 15.56 3.96
CA ARG B 32 -23.66 14.67 3.21
C ARG B 32 -22.56 15.49 2.57
N ILE B 33 -21.32 15.02 2.72
CA ILE B 33 -20.16 15.70 2.18
C ILE B 33 -19.56 14.77 1.15
N THR B 34 -19.08 15.33 0.05
CA THR B 34 -18.46 14.54 -1.01
C THR B 34 -17.01 14.94 -1.14
N VAL B 35 -16.12 14.05 -0.71
CA VAL B 35 -14.70 14.30 -0.79
C VAL B 35 -14.28 14.13 -2.24
N ASN B 36 -13.74 15.19 -2.83
CA ASN B 36 -13.34 15.17 -4.22
C ASN B 36 -12.00 14.51 -4.46
N LEU B 37 -12.03 13.35 -5.10
CA LEU B 37 -10.81 12.59 -5.42
C LEU B 37 -10.98 11.85 -6.76
N GLY B 38 -11.84 12.40 -7.63
CA GLY B 38 -12.11 11.83 -8.94
C GLY B 38 -12.69 10.42 -8.91
N GLU B 39 -11.87 9.45 -9.33
CA GLU B 39 -12.24 8.04 -9.34
C GLU B 39 -12.49 7.58 -7.90
N ARG B 40 -11.76 8.18 -6.96
CA ARG B 40 -11.85 7.82 -5.55
C ARG B 40 -12.84 8.65 -4.73
N SER B 41 -13.53 9.61 -5.38
CA SER B 41 -14.53 10.44 -4.68
C SER B 41 -15.51 9.60 -3.89
N TYR B 42 -15.81 10.03 -2.66
CA TYR B 42 -16.74 9.29 -1.82
C TYR B 42 -17.62 10.19 -0.96
N PRO B 43 -18.72 9.63 -0.43
CA PRO B 43 -19.62 10.42 0.39
C PRO B 43 -19.49 10.15 1.89
N ILE B 44 -19.62 11.20 2.69
CA ILE B 44 -19.60 11.06 4.12
C ILE B 44 -21.02 11.39 4.57
N SER B 45 -21.73 10.41 5.08
CA SER B 45 -23.09 10.61 5.57
C SER B 45 -23.02 10.82 7.06
N ILE B 46 -23.59 11.92 7.52
CA ILE B 46 -23.55 12.25 8.94
C ILE B 46 -24.94 12.62 9.43
N GLY B 47 -25.47 11.84 10.37
CA GLY B 47 -26.78 12.13 10.90
C GLY B 47 -27.16 11.25 12.06
N ALA B 48 -28.37 11.48 12.58
CA ALA B 48 -28.91 10.71 13.69
C ALA B 48 -29.68 9.51 13.15
N GLY B 49 -29.46 8.35 13.78
CA GLY B 49 -30.14 7.11 13.40
C GLY B 49 -29.85 6.61 11.99
N LEU B 50 -28.69 6.99 11.45
CA LEU B 50 -28.30 6.57 10.09
C LEU B 50 -28.10 5.09 9.94
N PHE B 51 -27.71 4.39 11.02
CA PHE B 51 -27.53 2.95 10.91
C PHE B 51 -28.80 2.21 10.46
N ALA B 52 -29.85 2.95 10.11
CA ALA B 52 -31.10 2.35 9.62
C ALA B 52 -31.32 2.54 8.11
N ASN B 53 -30.44 3.29 7.44
CA ASN B 53 -30.58 3.56 6.00
C ASN B 53 -29.58 2.71 5.17
N PRO B 54 -30.08 1.59 4.59
CA PRO B 54 -29.23 0.68 3.83
C PRO B 54 -28.64 1.28 2.56
N ALA B 55 -29.28 2.31 2.02
CA ALA B 55 -28.81 2.97 0.80
C ALA B 55 -27.50 3.75 0.97
N LEU B 56 -27.11 4.05 2.21
CA LEU B 56 -25.86 4.79 2.44
C LEU B 56 -24.61 3.89 2.27
N LEU B 57 -24.82 2.58 2.30
CA LEU B 57 -23.72 1.64 2.14
C LEU B 57 -23.39 1.37 0.67
N SER B 58 -24.36 1.56 -0.22
CA SER B 58 -24.18 1.32 -1.67
C SER B 58 -23.63 -0.06 -1.96
N LEU B 59 -24.38 -1.09 -1.60
CA LEU B 59 -23.95 -2.46 -1.82
C LEU B 59 -25.01 -3.31 -2.52
N SER B 60 -24.56 -4.25 -3.32
CA SER B 60 -25.44 -5.18 -4.02
C SER B 60 -25.56 -6.44 -3.19
N ALA B 61 -26.61 -7.20 -3.42
CA ALA B 61 -26.80 -8.45 -2.70
C ALA B 61 -25.72 -9.48 -3.05
N LYS B 62 -25.12 -9.36 -4.23
CA LYS B 62 -24.08 -10.30 -4.66
C LYS B 62 -22.75 -10.07 -3.92
N GLN B 63 -22.55 -8.85 -3.42
CA GLN B 63 -21.32 -8.49 -2.70
C GLN B 63 -21.23 -9.15 -1.34
N LYS B 64 -20.02 -9.64 -1.03
CA LYS B 64 -19.75 -10.27 0.25
C LYS B 64 -19.06 -9.26 1.15
N VAL B 65 -19.63 -9.03 2.32
CA VAL B 65 -19.12 -8.04 3.24
C VAL B 65 -18.56 -8.64 4.50
N VAL B 66 -17.45 -8.07 4.97
CA VAL B 66 -16.80 -8.51 6.20
C VAL B 66 -16.65 -7.31 7.17
N ILE B 67 -17.33 -7.41 8.31
CA ILE B 67 -17.24 -6.36 9.31
C ILE B 67 -16.11 -6.68 10.27
N VAL B 68 -15.16 -5.77 10.38
CA VAL B 68 -14.03 -5.92 11.29
C VAL B 68 -14.16 -4.85 12.36
N THR B 69 -14.31 -5.28 13.61
CA THR B 69 -14.45 -4.36 14.75
C THR B 69 -13.66 -4.91 15.95
N ASN B 70 -13.79 -4.27 17.12
CA ASN B 70 -13.12 -4.78 18.32
C ASN B 70 -14.14 -5.39 19.26
N HIS B 71 -13.67 -6.03 20.35
CA HIS B 71 -14.59 -6.71 21.28
C HIS B 71 -15.53 -5.79 22.04
N THR B 72 -15.22 -4.51 22.12
CA THR B 72 -16.07 -3.57 22.84
C THR B 72 -17.20 -3.06 21.95
N VAL B 73 -16.86 -2.56 20.78
CA VAL B 73 -17.85 -2.00 19.87
C VAL B 73 -18.79 -3.04 19.25
N ALA B 74 -18.28 -4.25 19.03
CA ALA B 74 -19.05 -5.33 18.41
C ALA B 74 -20.51 -5.46 18.87
N PRO B 75 -20.75 -5.89 20.13
CA PRO B 75 -22.11 -6.07 20.64
C PRO B 75 -22.98 -4.82 20.61
N LEU B 76 -22.35 -3.66 20.62
CA LEU B 76 -23.08 -2.41 20.63
C LEU B 76 -23.67 -2.07 19.28
N TYR B 77 -22.83 -1.97 18.27
CA TYR B 77 -23.29 -1.51 16.95
C TYR B 77 -23.21 -2.46 15.77
N ALA B 78 -22.60 -3.63 15.95
CA ALA B 78 -22.52 -4.58 14.86
C ALA B 78 -23.92 -5.00 14.40
N PRO B 79 -24.81 -5.32 15.36
CA PRO B 79 -26.17 -5.75 14.98
C PRO B 79 -26.90 -4.81 14.03
N ALA B 80 -26.78 -3.51 14.25
CA ALA B 80 -27.44 -2.53 13.39
C ALA B 80 -26.90 -2.64 11.96
N ILE B 81 -25.58 -2.73 11.85
CA ILE B 81 -24.92 -2.86 10.55
C ILE B 81 -25.29 -4.21 9.95
N ILE B 82 -25.31 -5.26 10.76
CA ILE B 82 -25.66 -6.61 10.28
C ILE B 82 -27.08 -6.68 9.72
N SER B 83 -28.02 -5.98 10.35
CA SER B 83 -29.40 -5.96 9.86
C SER B 83 -29.48 -5.17 8.58
N LEU B 84 -28.61 -4.18 8.47
CA LEU B 84 -28.57 -3.31 7.31
C LEU B 84 -28.14 -4.15 6.10
N LEU B 85 -27.20 -5.07 6.33
CA LEU B 85 -26.69 -5.95 5.27
C LEU B 85 -27.68 -7.07 4.87
N ASP B 86 -28.48 -7.54 5.83
CA ASP B 86 -29.47 -8.59 5.56
C ASP B 86 -30.62 -8.04 4.70
N HIS B 87 -31.01 -6.79 4.95
CA HIS B 87 -32.05 -6.16 4.14
C HIS B 87 -31.60 -6.11 2.68
N ILE B 88 -30.35 -5.69 2.47
CA ILE B 88 -29.79 -5.61 1.11
C ILE B 88 -29.70 -7.01 0.50
N GLY B 89 -29.36 -8.00 1.33
CA GLY B 89 -29.22 -9.39 0.89
C GLY B 89 -27.78 -9.87 0.80
N CYS B 90 -26.85 -9.08 1.36
CA CYS B 90 -25.43 -9.42 1.33
C CYS B 90 -25.06 -10.56 2.25
N GLN B 91 -24.06 -11.31 1.85
CA GLN B 91 -23.55 -12.39 2.66
C GLN B 91 -22.49 -11.68 3.52
N HIS B 92 -22.52 -11.91 4.84
CA HIS B 92 -21.61 -11.21 5.74
C HIS B 92 -20.82 -12.11 6.67
N ALA B 93 -19.86 -11.50 7.36
CA ALA B 93 -19.05 -12.18 8.36
C ALA B 93 -18.49 -11.12 9.35
N LEU B 94 -18.29 -11.53 10.59
CA LEU B 94 -17.79 -10.63 11.63
C LEU B 94 -16.45 -11.10 12.20
N LEU B 95 -15.53 -10.15 12.36
CA LEU B 95 -14.20 -10.42 12.92
C LEU B 95 -13.95 -9.40 14.04
N GLU B 96 -13.75 -9.92 15.25
CA GLU B 96 -13.54 -9.09 16.43
C GLU B 96 -12.08 -9.09 16.84
N LEU B 97 -11.46 -7.92 16.76
CA LEU B 97 -10.07 -7.77 17.14
C LEU B 97 -10.02 -7.32 18.60
N PRO B 98 -8.87 -7.55 19.28
CA PRO B 98 -8.77 -7.09 20.66
C PRO B 98 -8.79 -5.57 20.73
N ASP B 99 -9.41 -5.03 21.76
CA ASP B 99 -9.54 -3.60 21.94
C ASP B 99 -8.29 -2.96 22.55
N GLY B 100 -7.71 -1.98 21.87
CA GLY B 100 -6.53 -1.27 22.40
C GLY B 100 -5.45 -0.83 21.42
N GLU B 101 -4.86 0.34 21.72
CA GLU B 101 -3.77 0.88 20.89
C GLU B 101 -2.57 -0.10 20.87
N GLN B 102 -2.38 -0.86 21.94
CA GLN B 102 -1.26 -1.82 21.99
C GLN B 102 -1.42 -2.90 20.92
N TYR B 103 -2.64 -3.09 20.44
CA TYR B 103 -2.90 -4.09 19.41
C TYR B 103 -2.93 -3.51 18.00
N LYS B 104 -2.57 -2.23 17.84
CA LYS B 104 -2.57 -1.62 16.52
C LYS B 104 -1.22 -1.96 15.90
N THR B 105 -1.02 -3.24 15.65
CA THR B 105 0.23 -3.78 15.17
C THR B 105 0.13 -4.57 13.87
N LEU B 106 1.30 -4.97 13.37
CA LEU B 106 1.38 -5.73 12.16
C LEU B 106 0.81 -7.13 12.41
N GLU B 107 1.00 -7.65 13.62
CA GLU B 107 0.46 -8.95 14.01
C GLU B 107 -1.08 -9.02 13.89
N THR B 108 -1.77 -7.97 14.31
CA THR B 108 -3.23 -7.89 14.27
C THR B 108 -3.68 -7.71 12.82
N PHE B 109 -2.89 -6.95 12.08
CA PHE B 109 -3.11 -6.76 10.66
C PHE B 109 -3.11 -8.14 10.03
N ASN B 110 -2.10 -8.92 10.37
CA ASN B 110 -1.96 -10.27 9.85
C ASN B 110 -3.18 -11.12 10.21
N THR B 111 -3.72 -10.92 11.41
CA THR B 111 -4.95 -11.63 11.81
C THR B 111 -6.08 -11.32 10.83
N VAL B 112 -6.18 -10.07 10.39
CA VAL B 112 -7.20 -9.74 9.40
C VAL B 112 -6.87 -10.47 8.06
N MET B 113 -5.61 -10.47 7.65
CA MET B 113 -5.22 -11.13 6.40
C MET B 113 -5.54 -12.63 6.45
N SER B 114 -5.06 -13.29 7.50
CA SER B 114 -5.31 -14.71 7.70
C SER B 114 -6.79 -15.03 7.61
N PHE B 115 -7.60 -14.20 8.24
CA PHE B 115 -9.03 -14.40 8.23
C PHE B 115 -9.56 -14.33 6.80
N LEU B 116 -9.21 -13.26 6.10
CA LEU B 116 -9.68 -13.08 4.72
C LEU B 116 -9.23 -14.24 3.83
N LEU B 117 -8.03 -14.75 4.05
CA LEU B 117 -7.51 -15.87 3.24
C LEU B 117 -8.12 -17.23 3.59
N GLU B 118 -8.30 -17.54 4.88
CA GLU B 118 -8.88 -18.83 5.29
C GLU B 118 -10.34 -18.98 4.88
N HIS B 119 -11.00 -17.86 4.60
CA HIS B 119 -12.38 -17.88 4.14
C HIS B 119 -12.45 -17.55 2.64
N ASN B 120 -11.34 -17.74 1.95
CA ASN B 120 -11.29 -17.57 0.50
C ASN B 120 -11.94 -16.32 -0.07
N TYR B 121 -11.74 -15.17 0.56
CA TYR B 121 -12.31 -13.92 0.03
C TYR B 121 -11.53 -13.39 -1.19
N SER B 122 -12.27 -12.95 -2.20
CA SER B 122 -11.69 -12.43 -3.44
C SER B 122 -11.44 -10.92 -3.33
N ARG B 123 -10.90 -10.34 -4.41
CA ARG B 123 -10.64 -8.90 -4.50
C ARG B 123 -11.94 -8.08 -4.56
N ASP B 124 -13.08 -8.75 -4.68
CA ASP B 124 -14.36 -8.06 -4.73
C ASP B 124 -15.02 -7.92 -3.34
N VAL B 125 -14.38 -8.50 -2.32
CA VAL B 125 -14.90 -8.41 -0.96
C VAL B 125 -14.94 -6.95 -0.49
N VAL B 126 -15.94 -6.62 0.33
CA VAL B 126 -16.05 -5.27 0.87
C VAL B 126 -15.83 -5.36 2.37
N VAL B 127 -14.86 -4.59 2.86
CA VAL B 127 -14.55 -4.59 4.28
C VAL B 127 -15.13 -3.37 4.97
N ILE B 128 -15.78 -3.59 6.12
CA ILE B 128 -16.35 -2.50 6.89
C ILE B 128 -15.57 -2.32 8.20
N ALA B 129 -14.96 -1.15 8.36
CA ALA B 129 -14.23 -0.85 9.59
C ALA B 129 -15.20 -0.16 10.53
N LEU B 130 -15.65 -0.91 11.54
CA LEU B 130 -16.61 -0.40 12.54
C LEU B 130 -15.92 -0.26 13.88
N GLY B 131 -15.64 0.98 14.27
CA GLY B 131 -14.97 1.26 15.53
C GLY B 131 -14.32 2.62 15.60
N GLY B 132 -13.40 2.78 16.52
CA GLY B 132 -12.69 4.05 16.70
C GLY B 132 -11.54 4.22 15.73
N GLY B 133 -10.66 5.16 16.03
CA GLY B 133 -9.52 5.43 15.17
C GLY B 133 -8.56 4.25 15.09
N VAL B 134 -8.45 3.46 16.17
CA VAL B 134 -7.55 2.31 16.16
C VAL B 134 -7.98 1.32 15.08
N ILE B 135 -9.27 1.00 15.06
CA ILE B 135 -9.83 0.09 14.07
C ILE B 135 -9.80 0.71 12.69
N GLY B 136 -10.15 1.99 12.60
CA GLY B 136 -10.12 2.67 11.31
C GLY B 136 -8.75 2.53 10.61
N ASP B 137 -7.69 2.90 11.31
CA ASP B 137 -6.35 2.81 10.77
C ASP B 137 -5.93 1.38 10.43
N LEU B 138 -6.13 0.46 11.37
CA LEU B 138 -5.69 -0.91 11.19
C LEU B 138 -6.45 -1.64 10.09
N VAL B 139 -7.76 -1.53 10.10
CA VAL B 139 -8.57 -2.18 9.10
C VAL B 139 -8.43 -1.50 7.74
N GLY B 140 -8.26 -0.19 7.74
CA GLY B 140 -8.08 0.57 6.50
C GLY B 140 -6.84 0.07 5.79
N PHE B 141 -5.76 -0.06 6.55
CA PHE B 141 -4.49 -0.54 6.03
C PHE B 141 -4.61 -2.00 5.62
N ALA B 142 -5.38 -2.76 6.38
CA ALA B 142 -5.62 -4.15 6.05
C ALA B 142 -6.33 -4.18 4.70
N ALA B 143 -7.30 -3.29 4.52
CA ALA B 143 -8.05 -3.19 3.28
C ALA B 143 -7.19 -2.75 2.10
N ALA B 144 -6.22 -1.87 2.38
CA ALA B 144 -5.31 -1.37 1.37
C ALA B 144 -4.37 -2.46 0.83
N CYS B 145 -3.92 -3.35 1.69
CA CYS B 145 -2.94 -4.36 1.30
C CYS B 145 -3.49 -5.69 0.80
N TYR B 146 -4.69 -6.07 1.22
CA TYR B 146 -5.24 -7.36 0.83
C TYR B 146 -5.39 -7.45 -0.68
N GLN B 147 -4.57 -8.32 -1.28
CA GLN B 147 -4.53 -8.50 -2.74
C GLN B 147 -4.34 -7.16 -3.42
N ARG B 148 -3.59 -6.29 -2.75
CA ARG B 148 -3.24 -4.96 -3.25
C ARG B 148 -4.38 -3.94 -3.24
N GLY B 149 -5.44 -4.23 -2.50
CA GLY B 149 -6.54 -3.28 -2.35
C GLY B 149 -7.92 -3.81 -2.63
N VAL B 150 -8.78 -3.72 -1.61
CA VAL B 150 -10.20 -4.10 -1.70
C VAL B 150 -11.01 -2.93 -1.14
N ASP B 151 -12.25 -2.80 -1.58
CA ASP B 151 -13.10 -1.68 -1.13
C ASP B 151 -13.33 -1.74 0.37
N PHE B 152 -13.34 -0.58 1.03
CA PHE B 152 -13.68 -0.59 2.43
C PHE B 152 -14.54 0.61 2.79
N ILE B 153 -15.39 0.40 3.78
CA ILE B 153 -16.29 1.41 4.28
C ILE B 153 -16.01 1.69 5.75
N GLN B 154 -15.82 2.97 6.08
CA GLN B 154 -15.59 3.38 7.45
C GLN B 154 -16.89 3.65 8.18
N ILE B 155 -16.92 3.26 9.44
CA ILE B 155 -18.06 3.56 10.30
C ILE B 155 -17.41 3.94 11.65
N PRO B 156 -16.89 5.18 11.73
CA PRO B 156 -16.24 5.65 12.94
C PRO B 156 -17.24 5.83 14.07
N THR B 157 -16.88 5.37 15.25
CA THR B 157 -17.76 5.43 16.39
C THR B 157 -17.25 6.30 17.57
N THR B 158 -16.17 7.03 17.36
CA THR B 158 -15.67 7.97 18.38
C THR B 158 -15.72 9.35 17.74
N LEU B 159 -15.86 10.40 18.54
CA LEU B 159 -15.91 11.75 17.98
C LEU B 159 -14.61 12.03 17.24
N LEU B 160 -13.47 11.66 17.83
CA LEU B 160 -12.16 11.88 17.20
C LEU B 160 -12.06 11.23 15.82
N SER B 161 -12.41 9.95 15.71
CA SER B 161 -12.34 9.25 14.43
C SER B 161 -13.29 9.85 13.39
N GLN B 162 -14.44 10.30 13.85
CA GLN B 162 -15.45 10.89 12.98
C GLN B 162 -14.98 12.20 12.37
N VAL B 163 -14.20 12.98 13.12
CA VAL B 163 -13.72 14.29 12.62
C VAL B 163 -12.30 14.27 12.06
N ASP B 164 -11.54 13.20 12.28
CA ASP B 164 -10.16 13.11 11.77
C ASP B 164 -9.91 11.95 10.83
N SER B 165 -10.43 10.76 11.14
CA SER B 165 -10.21 9.59 10.29
C SER B 165 -11.01 9.61 9.00
N SER B 166 -12.13 10.32 9.03
CA SER B 166 -13.04 10.40 7.88
C SER B 166 -12.47 10.97 6.59
N VAL B 167 -11.47 11.84 6.69
CA VAL B 167 -10.88 12.47 5.52
C VAL B 167 -9.37 12.38 5.57
N GLY B 168 -8.73 12.26 4.41
CA GLY B 168 -7.27 12.22 4.32
C GLY B 168 -6.68 10.89 3.90
N GLY B 169 -7.42 9.81 4.11
CA GLY B 169 -6.96 8.49 3.69
C GLY B 169 -5.78 7.87 4.43
N LYS B 170 -5.36 8.45 5.55
CA LYS B 170 -4.24 7.88 6.30
C LYS B 170 -4.61 6.59 7.01
N THR B 171 -3.80 5.57 6.83
CA THR B 171 -4.01 4.31 7.54
C THR B 171 -2.66 3.93 8.06
N ALA B 172 -2.61 3.21 9.17
CA ALA B 172 -1.34 2.78 9.70
C ALA B 172 -1.45 1.79 10.84
N VAL B 173 -0.29 1.20 11.14
CA VAL B 173 -0.10 0.34 12.27
C VAL B 173 1.20 0.81 12.89
N ASN B 174 1.42 0.42 14.15
CA ASN B 174 2.63 0.75 14.87
C ASN B 174 3.69 -0.33 14.71
N HIS B 175 4.91 0.04 15.07
CA HIS B 175 6.05 -0.83 15.06
C HIS B 175 6.69 -0.63 16.44
N PRO B 176 7.35 -1.66 16.96
CA PRO B 176 7.98 -1.45 18.27
C PRO B 176 8.81 -0.17 18.34
N LEU B 177 9.51 0.14 17.25
CA LEU B 177 10.39 1.31 17.18
C LEU B 177 9.70 2.59 16.76
N GLY B 178 8.39 2.57 16.52
CA GLY B 178 7.73 3.79 16.09
C GLY B 178 6.24 3.65 15.84
N LYS B 179 5.52 4.71 16.22
N LYS B 179 5.49 4.65 16.27
CA LYS B 179 4.08 4.79 16.09
CA LYS B 179 4.05 4.63 16.08
C LYS B 179 3.70 5.25 14.69
C LYS B 179 3.68 5.24 14.73
N ASN B 180 2.71 4.60 14.08
CA ASN B 180 2.22 5.00 12.76
C ASN B 180 3.30 5.20 11.69
N MET B 181 4.28 4.31 11.66
CA MET B 181 5.36 4.39 10.67
C MET B 181 5.17 3.41 9.50
N ILE B 182 4.20 2.50 9.63
CA ILE B 182 3.90 1.54 8.57
C ILE B 182 2.46 1.79 8.16
N GLY B 183 2.21 2.08 6.89
CA GLY B 183 0.85 2.37 6.48
C GLY B 183 0.67 2.71 5.02
N ALA B 184 -0.45 3.35 4.71
CA ALA B 184 -0.76 3.70 3.34
C ALA B 184 -1.86 4.74 3.22
N PHE B 185 -1.91 5.40 2.07
CA PHE B 185 -2.96 6.34 1.75
C PHE B 185 -3.98 5.53 0.96
N TYR B 186 -5.12 5.29 1.59
CA TYR B 186 -6.14 4.50 0.96
C TYR B 186 -7.49 5.08 1.32
N GLN B 187 -8.28 5.37 0.30
CA GLN B 187 -9.57 5.99 0.47
C GLN B 187 -10.67 4.96 0.63
N PRO B 188 -11.69 5.28 1.44
CA PRO B 188 -12.83 4.40 1.62
C PRO B 188 -13.85 4.58 0.48
N LYS B 189 -14.79 3.65 0.34
CA LYS B 189 -15.85 3.80 -0.67
C LYS B 189 -16.95 4.70 -0.13
N ALA B 190 -17.06 4.76 1.17
CA ALA B 190 -18.05 5.59 1.83
C ALA B 190 -17.71 5.67 3.30
N VAL B 191 -18.26 6.68 3.97
CA VAL B 191 -18.06 6.86 5.40
C VAL B 191 -19.43 7.14 5.99
N VAL B 192 -19.86 6.29 6.93
CA VAL B 192 -21.15 6.47 7.58
C VAL B 192 -20.95 6.90 9.04
N ILE B 193 -21.55 8.02 9.42
CA ILE B 193 -21.42 8.54 10.79
C ILE B 193 -22.80 8.74 11.41
N ASP B 194 -23.16 7.87 12.36
CA ASP B 194 -24.43 8.00 13.08
C ASP B 194 -24.11 8.61 14.45
N THR B 195 -24.49 9.87 14.63
CA THR B 195 -24.20 10.60 15.88
C THR B 195 -24.75 9.91 17.15
N ASP B 196 -25.61 8.91 16.99
CA ASP B 196 -26.16 8.18 18.12
C ASP B 196 -25.17 7.28 18.84
N CYS B 197 -24.12 6.87 18.15
CA CYS B 197 -23.16 5.98 18.80
C CYS B 197 -22.33 6.72 19.86
N LEU B 198 -22.28 8.04 19.76
CA LEU B 198 -21.53 8.84 20.73
C LEU B 198 -22.11 8.76 22.14
N THR B 199 -23.40 8.44 22.25
CA THR B 199 -24.05 8.36 23.55
C THR B 199 -23.40 7.35 24.51
N THR B 200 -22.79 6.29 23.99
CA THR B 200 -22.16 5.28 24.84
C THR B 200 -20.66 5.49 24.96
N LEU B 201 -20.15 6.48 24.24
CA LEU B 201 -18.74 6.84 24.27
C LEU B 201 -18.45 7.52 25.61
N PRO B 202 -17.42 7.05 26.33
CA PRO B 202 -17.03 7.62 27.62
C PRO B 202 -16.79 9.13 27.57
N ALA B 203 -17.19 9.82 28.62
CA ALA B 203 -17.06 11.27 28.74
C ALA B 203 -15.70 11.83 28.32
N ARG B 204 -14.61 11.27 28.82
CA ARG B 204 -13.27 11.77 28.45
C ARG B 204 -13.02 11.63 26.96
N GLU B 205 -13.38 10.49 26.38
CA GLU B 205 -13.16 10.27 24.96
C GLU B 205 -13.88 11.32 24.14
N PHE B 206 -15.10 11.64 24.55
CA PHE B 206 -15.90 12.64 23.85
C PHE B 206 -15.21 13.98 23.92
N ALA B 207 -14.77 14.35 25.13
CA ALA B 207 -14.08 15.62 25.31
C ALA B 207 -12.79 15.65 24.47
N ALA B 208 -12.02 14.57 24.52
CA ALA B 208 -10.78 14.46 23.77
C ALA B 208 -11.03 14.82 22.30
N GLY B 209 -12.14 14.32 21.76
CA GLY B 209 -12.53 14.63 20.40
C GLY B 209 -12.87 16.09 20.17
N MET B 210 -13.45 16.77 21.16
CA MET B 210 -13.77 18.20 21.01
C MET B 210 -12.52 19.03 20.79
N ALA B 211 -11.39 18.57 21.28
CA ALA B 211 -10.14 19.26 21.05
C ALA B 211 -9.95 19.42 19.54
N GLU B 212 -10.20 18.36 18.81
CA GLU B 212 -10.04 18.37 17.35
C GLU B 212 -11.14 19.20 16.71
N VAL B 213 -12.35 19.11 17.23
CA VAL B 213 -13.43 19.93 16.68
C VAL B 213 -13.03 21.39 16.78
N ILE B 214 -12.58 21.79 17.98
CA ILE B 214 -12.19 23.18 18.25
C ILE B 214 -11.01 23.61 17.39
N LYS B 215 -10.07 22.70 17.15
CA LYS B 215 -8.91 23.00 16.33
C LYS B 215 -9.27 23.59 14.96
N TYR B 216 -10.25 22.99 14.29
CA TYR B 216 -10.63 23.45 12.96
C TYR B 216 -11.08 24.90 13.00
N GLY B 217 -11.86 25.25 14.02
CA GLY B 217 -12.33 26.63 14.18
C GLY B 217 -11.15 27.58 14.27
N ILE B 218 -10.17 27.21 15.10
CA ILE B 218 -8.98 28.04 15.32
C ILE B 218 -8.09 28.25 14.09
N ILE B 219 -7.79 27.16 13.41
CA ILE B 219 -6.84 27.25 12.31
C ILE B 219 -7.40 27.68 10.96
N TYR B 220 -8.70 27.48 10.75
CA TYR B 220 -9.25 27.73 9.42
C TYR B 220 -10.62 28.42 9.32
N ASP B 221 -11.49 28.30 10.32
CA ASP B 221 -12.83 28.91 10.21
C ASP B 221 -13.29 29.72 11.43
N SER B 222 -13.24 31.03 11.28
CA SER B 222 -13.64 31.98 12.33
C SER B 222 -15.14 31.88 12.66
N ALA B 223 -15.96 31.74 11.63
CA ALA B 223 -17.41 31.63 11.84
C ALA B 223 -17.72 30.36 12.63
N PHE B 224 -17.03 29.27 12.29
CA PHE B 224 -17.24 28.01 12.97
C PHE B 224 -16.79 28.07 14.43
N PHE B 225 -15.75 28.85 14.72
CA PHE B 225 -15.30 29.00 16.10
C PHE B 225 -16.39 29.68 16.94
N ASP B 226 -16.96 30.76 16.40
CA ASP B 226 -18.01 31.50 17.08
C ASP B 226 -19.23 30.61 17.33
N TRP B 227 -19.53 29.76 16.36
CA TRP B 227 -20.65 28.84 16.47
C TRP B 227 -20.36 27.86 17.61
N LEU B 228 -19.12 27.37 17.68
CA LEU B 228 -18.74 26.45 18.75
C LEU B 228 -18.88 27.12 20.12
N GLU B 229 -18.46 28.39 20.23
CA GLU B 229 -18.61 29.09 21.51
C GLU B 229 -20.06 29.05 21.97
N ALA B 230 -20.97 29.29 21.04
CA ALA B 230 -22.39 29.34 21.38
C ALA B 230 -23.06 27.99 21.61
N GLN B 231 -22.57 26.93 21.00
CA GLN B 231 -23.24 25.63 21.09
C GLN B 231 -22.56 24.54 21.97
N MET B 232 -21.52 24.88 22.71
CA MET B 232 -20.86 23.87 23.55
C MET B 232 -21.81 23.10 24.46
N GLU B 233 -22.66 23.83 25.18
CA GLU B 233 -23.63 23.23 26.06
C GLU B 233 -24.41 22.16 25.27
N ALA B 234 -24.98 22.58 24.14
CA ALA B 234 -25.76 21.72 23.28
C ALA B 234 -24.95 20.50 22.80
N LEU B 235 -23.70 20.71 22.44
CA LEU B 235 -22.88 19.58 22.00
C LEU B 235 -22.72 18.56 23.13
N TYR B 236 -22.36 19.04 24.32
CA TYR B 236 -22.17 18.13 25.47
C TYR B 236 -23.46 17.50 25.94
N ALA B 237 -24.60 18.08 25.58
CA ALA B 237 -25.90 17.50 25.93
C ALA B 237 -26.23 16.42 24.90
N LEU B 238 -25.40 16.35 23.86
CA LEU B 238 -25.52 15.42 22.72
C LEU B 238 -26.73 15.77 21.83
N ASP B 239 -26.95 17.07 21.65
CA ASP B 239 -28.03 17.57 20.80
C ASP B 239 -27.77 17.06 19.40
N GLU B 240 -28.77 16.41 18.80
CA GLU B 240 -28.62 15.82 17.46
C GLU B 240 -28.18 16.80 16.38
N GLN B 241 -28.92 17.90 16.27
CA GLN B 241 -28.66 18.91 15.26
C GLN B 241 -27.27 19.51 15.39
N ALA B 242 -26.88 19.82 16.63
CA ALA B 242 -25.58 20.40 16.90
C ALA B 242 -24.45 19.44 16.54
N LEU B 243 -24.59 18.18 16.91
CA LEU B 243 -23.57 17.18 16.60
C LEU B 243 -23.40 17.07 15.09
N THR B 244 -24.51 16.85 14.40
CA THR B 244 -24.50 16.72 12.94
C THR B 244 -23.79 17.89 12.27
N TYR B 245 -24.15 19.10 12.65
CA TYR B 245 -23.55 20.28 12.06
C TYR B 245 -22.05 20.37 12.37
N ALA B 246 -21.67 20.04 13.60
CA ALA B 246 -20.27 20.11 14.03
C ALA B 246 -19.39 19.14 13.25
N ILE B 247 -19.79 17.89 13.24
CA ILE B 247 -19.03 16.85 12.57
C ILE B 247 -18.91 17.16 11.06
N ALA B 248 -20.04 17.53 10.46
CA ALA B 248 -20.11 17.87 9.04
C ALA B 248 -19.18 19.02 8.66
N ARG B 249 -19.11 20.06 9.49
CA ARG B 249 -18.27 21.18 9.15
C ARG B 249 -16.78 20.81 9.31
N CYS B 250 -16.46 19.93 10.26
CA CYS B 250 -15.06 19.49 10.44
C CYS B 250 -14.60 18.70 9.23
N CYS B 251 -15.47 17.83 8.73
CA CYS B 251 -15.16 17.03 7.56
C CYS B 251 -14.96 17.91 6.32
N GLN B 252 -15.73 18.99 6.20
CA GLN B 252 -15.59 19.91 5.07
C GLN B 252 -14.28 20.66 5.17
N ILE B 253 -13.99 21.17 6.36
CA ILE B 253 -12.76 21.90 6.57
C ILE B 253 -11.55 21.06 6.20
N LYS B 254 -11.46 19.85 6.74
CA LYS B 254 -10.32 18.97 6.46
C LYS B 254 -10.26 18.62 4.98
N ALA B 255 -11.42 18.44 4.36
CA ALA B 255 -11.48 18.10 2.95
C ALA B 255 -10.87 19.24 2.11
N GLU B 256 -11.17 20.48 2.47
CA GLU B 256 -10.60 21.63 1.77
C GLU B 256 -9.11 21.80 2.07
N VAL B 257 -8.70 21.53 3.31
CA VAL B 257 -7.30 21.66 3.66
C VAL B 257 -6.49 20.67 2.83
N VAL B 258 -6.99 19.45 2.72
CA VAL B 258 -6.33 18.40 1.96
C VAL B 258 -6.36 18.69 0.45
N ALA B 259 -7.46 19.24 -0.05
CA ALA B 259 -7.58 19.56 -1.49
C ALA B 259 -6.54 20.60 -1.91
N GLN B 260 -6.28 21.56 -1.03
CA GLN B 260 -5.26 22.59 -1.28
C GLN B 260 -3.83 22.02 -1.30
N ASP B 261 -3.55 21.10 -0.37
CA ASP B 261 -2.22 20.50 -0.25
C ASP B 261 -1.75 19.84 -1.57
N GLU B 262 -2.69 19.30 -2.35
CA GLU B 262 -2.36 18.69 -3.66
C GLU B 262 -1.93 19.73 -4.71
N LYS B 263 -2.35 20.98 -4.54
CA LYS B 263 -1.95 22.06 -5.44
C LYS B 263 -0.64 22.66 -4.93
N GLU B 264 -0.62 23.09 -3.67
CA GLU B 264 0.59 23.65 -3.04
C GLU B 264 0.88 22.97 -1.71
N SER B 265 1.74 21.95 -1.78
CA SER B 265 2.15 21.14 -0.63
C SER B 265 2.65 21.98 0.55
N GLY B 266 1.78 22.17 1.55
CA GLY B 266 2.14 22.94 2.74
C GLY B 266 1.03 23.26 3.73
N ILE B 267 -0.18 23.52 3.23
CA ILE B 267 -1.32 23.89 4.09
C ILE B 267 -1.83 22.75 5.01
N ARG B 268 -1.59 21.49 4.63
CA ARG B 268 -2.05 20.35 5.44
C ARG B 268 -1.34 20.28 6.78
N ALA B 269 -0.20 20.95 6.88
CA ALA B 269 0.57 20.98 8.12
C ALA B 269 -0.24 21.65 9.22
N LEU B 270 -1.04 22.65 8.82
CA LEU B 270 -1.88 23.41 9.76
C LEU B 270 -2.74 22.54 10.70
N LEU B 271 -3.05 21.31 10.27
CA LEU B 271 -3.84 20.39 11.08
C LEU B 271 -3.12 19.92 12.34
N ASN B 272 -1.81 20.16 12.41
CA ASN B 272 -1.00 19.74 13.56
C ASN B 272 -0.93 20.74 14.70
N LEU B 273 -1.84 21.71 14.74
CA LEU B 273 -1.83 22.69 15.83
C LEU B 273 -1.82 21.97 17.17
N GLY B 274 -0.87 22.32 18.03
CA GLY B 274 -0.78 21.75 19.37
C GLY B 274 -0.07 20.40 19.50
N HIS B 275 0.11 19.70 18.39
CA HIS B 275 0.74 18.38 18.41
C HIS B 275 2.20 18.39 18.88
N THR B 276 2.93 19.47 18.63
CA THR B 276 4.34 19.52 19.06
C THR B 276 4.45 19.48 20.58
N PHE B 277 3.77 20.40 21.25
CA PHE B 277 3.73 20.44 22.70
C PHE B 277 2.95 19.23 23.24
N GLY B 278 1.85 18.90 22.57
CA GLY B 278 1.01 17.78 22.95
C GLY B 278 1.79 16.48 23.02
N HIS B 279 2.47 16.17 21.93
CA HIS B 279 3.26 14.96 21.86
C HIS B 279 4.21 14.85 23.05
N ALA B 280 4.81 15.97 23.45
CA ALA B 280 5.73 15.97 24.60
C ALA B 280 5.04 15.58 25.90
N ILE B 281 3.78 15.97 26.07
CA ILE B 281 3.05 15.62 27.28
C ILE B 281 2.76 14.12 27.29
N GLU B 282 2.22 13.61 26.18
CA GLU B 282 1.91 12.17 26.06
C GLU B 282 3.17 11.36 26.28
N ALA B 283 4.23 11.73 25.56
CA ALA B 283 5.49 11.02 25.67
C ALA B 283 6.01 11.02 27.09
N HIS B 284 5.90 12.16 27.78
CA HIS B 284 6.38 12.24 29.16
C HIS B 284 5.45 11.60 30.21
N MET B 285 4.15 11.82 30.07
CA MET B 285 3.18 11.27 31.02
C MET B 285 2.91 9.78 30.77
N GLY B 286 3.52 9.21 29.74
CA GLY B 286 3.31 7.80 29.40
C GLY B 286 2.06 7.64 28.57
N TYR B 287 2.19 6.95 27.42
CA TYR B 287 1.05 6.74 26.52
C TYR B 287 -0.11 5.99 27.21
N GLY B 288 -1.31 6.55 27.07
CA GLY B 288 -2.49 5.97 27.67
C GLY B 288 -2.88 6.65 28.97
N ASN B 289 -1.98 7.46 29.52
CA ASN B 289 -2.29 8.17 30.74
C ASN B 289 -3.23 9.33 30.37
N TRP B 290 -2.72 10.23 29.53
CA TRP B 290 -3.49 11.35 28.98
C TRP B 290 -3.96 10.91 27.61
N LEU B 291 -5.22 11.15 27.28
CA LEU B 291 -5.71 10.82 25.96
C LEU B 291 -5.10 11.85 24.99
N HIS B 292 -4.99 11.48 23.73
CA HIS B 292 -4.41 12.38 22.73
C HIS B 292 -5.07 13.76 22.63
N GLY B 293 -6.40 13.81 22.73
CA GLY B 293 -7.14 15.08 22.64
C GLY B 293 -6.90 16.02 23.81
N GLU B 294 -6.73 15.45 24.99
CA GLU B 294 -6.47 16.21 26.19
C GLU B 294 -5.08 16.82 26.03
N ALA B 295 -4.14 16.04 25.52
CA ALA B 295 -2.79 16.52 25.32
C ALA B 295 -2.77 17.56 24.22
N VAL B 296 -3.65 17.43 23.22
CA VAL B 296 -3.72 18.43 22.13
C VAL B 296 -4.28 19.77 22.61
N SER B 297 -5.17 19.71 23.59
CA SER B 297 -5.78 20.90 24.18
C SER B 297 -4.74 21.74 24.86
N ALA B 298 -3.99 21.15 25.77
CA ALA B 298 -2.95 21.91 26.47
C ALA B 298 -1.92 22.42 25.45
N GLY B 299 -1.59 21.60 24.46
CA GLY B 299 -0.63 21.99 23.43
C GLY B 299 -1.13 23.18 22.63
N THR B 300 -2.43 23.22 22.37
CA THR B 300 -3.03 24.32 21.61
C THR B 300 -2.93 25.62 22.40
N VAL B 301 -3.19 25.52 23.70
CA VAL B 301 -3.09 26.66 24.58
C VAL B 301 -1.64 27.17 24.58
N MET B 302 -0.68 26.25 24.68
CA MET B 302 0.72 26.65 24.68
C MET B 302 1.10 27.29 23.37
N ALA B 303 0.58 26.73 22.28
CA ALA B 303 0.83 27.26 20.93
C ALA B 303 0.27 28.68 20.80
N ALA B 304 -0.95 28.86 21.30
CA ALA B 304 -1.61 30.17 21.24
C ALA B 304 -0.80 31.21 21.99
N LYS B 305 -0.33 30.85 23.19
CA LYS B 305 0.46 31.79 23.97
C LYS B 305 1.77 32.08 23.26
N THR B 306 2.37 31.07 22.64
CA THR B 306 3.58 31.28 21.88
C THR B 306 3.31 32.28 20.78
N ALA B 307 2.15 32.13 20.14
CA ALA B 307 1.74 33.04 19.07
C ALA B 307 1.65 34.46 19.61
N GLN B 308 1.05 34.61 20.79
CA GLN B 308 0.89 35.92 21.38
C GLN B 308 2.26 36.54 21.70
N LEU B 309 3.13 35.74 22.30
CA LEU B 309 4.47 36.24 22.63
C LEU B 309 5.25 36.63 21.37
N GLN B 310 4.88 36.04 20.22
CA GLN B 310 5.52 36.36 18.94
C GLN B 310 4.82 37.52 18.21
N GLY B 311 3.73 38.03 18.80
CA GLY B 311 2.98 39.15 18.22
C GLY B 311 2.01 38.76 17.10
N LEU B 312 1.77 37.46 16.92
CA LEU B 312 0.87 36.99 15.88
C LEU B 312 -0.61 37.10 16.27
N ILE B 313 -0.90 37.07 17.58
CA ILE B 313 -2.28 37.25 18.08
C ILE B 313 -2.21 38.10 19.33
N ASP B 314 -3.33 38.69 19.72
CA ASP B 314 -3.35 39.54 20.91
C ASP B 314 -3.90 38.82 22.16
N ALA B 315 -3.86 39.52 23.28
CA ALA B 315 -4.28 38.99 24.56
C ALA B 315 -5.68 38.41 24.54
N SER B 316 -6.62 39.17 24.00
CA SER B 316 -8.02 38.73 23.97
C SER B 316 -8.27 37.54 23.07
N GLN B 317 -7.45 37.36 22.03
CA GLN B 317 -7.59 36.22 21.13
C GLN B 317 -7.16 34.96 21.89
N PHE B 318 -6.09 35.08 22.65
CA PHE B 318 -5.64 33.97 23.47
C PHE B 318 -6.73 33.61 24.47
N GLU B 319 -7.25 34.60 25.17
CA GLU B 319 -8.30 34.36 26.17
C GLU B 319 -9.53 33.63 25.60
N ARG B 320 -9.91 33.91 24.35
CA ARG B 320 -11.06 33.20 23.76
C ARG B 320 -10.71 31.72 23.50
N ILE B 321 -9.48 31.47 23.09
CA ILE B 321 -9.03 30.10 22.84
C ILE B 321 -8.98 29.32 24.13
N LEU B 322 -8.41 29.94 25.16
CA LEU B 322 -8.34 29.31 26.46
C LEU B 322 -9.74 29.02 27.00
N ALA B 323 -10.60 30.04 26.99
CA ALA B 323 -11.98 29.92 27.51
C ALA B 323 -12.81 28.80 26.87
N ILE B 324 -12.65 28.56 25.57
CA ILE B 324 -13.47 27.54 24.90
C ILE B 324 -13.01 26.13 25.28
N LEU B 325 -11.70 25.92 25.37
CA LEU B 325 -11.18 24.62 25.76
C LEU B 325 -11.61 24.31 27.21
N LYS B 326 -11.64 25.33 28.07
CA LYS B 326 -12.11 25.17 29.44
C LYS B 326 -13.58 24.77 29.46
N LYS B 327 -14.36 25.42 28.61
CA LYS B 327 -15.79 25.16 28.51
C LYS B 327 -16.04 23.73 28.02
N ALA B 328 -15.11 23.21 27.23
CA ALA B 328 -15.21 21.85 26.72
C ALA B 328 -14.64 20.84 27.73
N HIS B 329 -14.45 21.28 28.97
CA HIS B 329 -13.96 20.42 30.06
C HIS B 329 -12.63 19.74 29.74
N LEU B 330 -11.74 20.48 29.09
CA LEU B 330 -10.42 19.94 28.71
C LEU B 330 -9.29 20.59 29.53
N PRO B 331 -8.18 19.86 29.72
CA PRO B 331 -7.03 20.42 30.42
C PRO B 331 -6.42 21.52 29.57
N VAL B 332 -6.07 22.62 30.21
CA VAL B 332 -5.48 23.79 29.54
C VAL B 332 -4.20 24.26 30.22
N ARG B 333 -3.86 23.62 31.33
CA ARG B 333 -2.73 24.03 32.11
C ARG B 333 -1.53 23.09 31.95
N THR B 334 -0.34 23.68 31.89
CA THR B 334 0.88 22.91 31.82
C THR B 334 0.88 21.93 33.00
N PRO B 335 1.22 20.65 32.74
CA PRO B 335 1.28 19.66 33.83
C PRO B 335 2.20 20.10 34.98
N GLU B 336 1.71 20.02 36.22
CA GLU B 336 2.46 20.46 37.42
C GLU B 336 3.90 19.98 37.53
N ASN B 337 4.15 18.73 37.16
CA ASN B 337 5.50 18.16 37.29
C ASN B 337 6.34 18.07 36.02
N MET B 338 5.87 18.63 34.91
CA MET B 338 6.69 18.64 33.72
C MET B 338 7.51 19.91 33.74
N THR B 339 8.82 19.75 33.61
CA THR B 339 9.70 20.87 33.57
C THR B 339 9.85 21.27 32.11
N PHE B 340 10.47 22.43 31.88
CA PHE B 340 10.75 22.87 30.53
C PHE B 340 11.66 21.85 29.84
N ALA B 341 12.59 21.27 30.61
CA ALA B 341 13.52 20.26 30.08
C ALA B 341 12.76 19.06 29.48
N ASP B 342 11.74 18.59 30.20
CA ASP B 342 10.92 17.48 29.72
C ASP B 342 10.34 17.76 28.32
N PHE B 343 9.87 18.99 28.09
CA PHE B 343 9.33 19.37 26.78
C PHE B 343 10.40 19.34 25.70
N MET B 344 11.53 19.97 25.96
CA MET B 344 12.64 20.01 25.00
C MET B 344 13.13 18.62 24.71
N GLN B 345 13.12 17.77 25.74
CA GLN B 345 13.49 16.38 25.61
C GLN B 345 12.77 15.75 24.40
N HIS B 346 11.45 15.94 24.32
CA HIS B 346 10.67 15.35 23.23
C HIS B 346 10.45 16.27 22.03
N MET B 347 10.67 17.58 22.20
CA MET B 347 10.46 18.53 21.09
C MET B 347 11.73 18.72 20.25
N MET B 348 12.90 18.73 20.89
CA MET B 348 14.19 18.89 20.17
C MET B 348 15.27 17.88 20.60
N ARG B 359 10.27 25.07 14.46
CA ARG B 359 9.13 24.97 13.56
C ARG B 359 7.86 24.58 14.32
N LEU B 360 6.83 25.43 14.22
CA LEU B 360 5.56 25.20 14.94
C LEU B 360 4.36 25.76 14.19
N VAL B 361 3.20 25.13 14.40
CA VAL B 361 1.95 25.62 13.84
C VAL B 361 1.40 26.58 14.89
N LEU B 362 1.24 27.84 14.49
CA LEU B 362 0.74 28.86 15.39
C LEU B 362 -0.46 29.57 14.79
N PRO B 363 -1.43 29.91 15.64
CA PRO B 363 -2.57 30.65 15.11
C PRO B 363 -2.12 32.09 14.86
N THR B 364 -2.69 32.72 13.83
CA THR B 364 -2.34 34.09 13.48
C THR B 364 -3.56 34.97 13.66
N SER B 365 -4.59 34.39 14.28
CA SER B 365 -5.86 35.07 14.62
C SER B 365 -6.77 33.92 14.96
N ILE B 366 -8.05 34.19 15.14
CA ILE B 366 -9.00 33.12 15.40
C ILE B 366 -9.64 32.83 14.07
N GLY B 367 -9.16 31.76 13.42
CA GLY B 367 -9.64 31.38 12.10
C GLY B 367 -8.54 31.28 11.07
N THR B 368 -7.34 31.74 11.42
CA THR B 368 -6.19 31.69 10.53
C THR B 368 -4.97 31.23 11.31
N SER B 369 -4.08 30.52 10.63
CA SER B 369 -2.88 29.99 11.26
C SER B 369 -1.77 29.89 10.24
N ALA B 370 -0.58 29.50 10.69
CA ALA B 370 0.56 29.36 9.80
C ALA B 370 1.67 28.56 10.45
N VAL B 371 2.53 27.98 9.63
CA VAL B 371 3.67 27.25 10.13
C VAL B 371 4.73 28.31 10.31
N VAL B 372 5.16 28.53 11.54
CA VAL B 372 6.17 29.53 11.83
C VAL B 372 7.50 28.84 12.08
N LYS B 373 8.53 29.32 11.40
CA LYS B 373 9.87 28.76 11.49
C LYS B 373 10.78 29.73 12.22
N GLY B 374 11.59 29.21 13.15
CA GLY B 374 12.53 30.02 13.90
C GLY B 374 11.98 30.77 15.10
N VAL B 375 11.30 30.05 16.00
CA VAL B 375 10.77 30.65 17.21
C VAL B 375 11.81 30.38 18.30
N PRO B 376 12.31 31.44 18.95
CA PRO B 376 13.34 31.27 19.98
C PRO B 376 12.93 30.40 21.16
N GLU B 377 13.85 29.54 21.60
CA GLU B 377 13.61 28.68 22.75
C GLU B 377 13.00 29.44 23.92
N ALA B 378 13.57 30.62 24.19
CA ALA B 378 13.13 31.46 25.32
C ALA B 378 11.63 31.72 25.27
N VAL B 379 11.11 32.01 24.08
CA VAL B 379 9.69 32.24 23.89
C VAL B 379 8.90 30.96 24.18
N ILE B 380 9.40 29.84 23.71
CA ILE B 380 8.72 28.58 23.94
C ILE B 380 8.72 28.29 25.44
N ALA B 381 9.85 28.51 26.09
CA ALA B 381 9.97 28.30 27.52
C ALA B 381 8.96 29.15 28.28
N GLN B 382 8.88 30.43 27.95
CA GLN B 382 7.93 31.32 28.63
C GLN B 382 6.48 30.93 28.35
N ALA B 383 6.20 30.45 27.14
CA ALA B 383 4.82 29.98 26.84
C ALA B 383 4.45 28.85 27.81
N ILE B 384 5.36 27.88 27.93
CA ILE B 384 5.16 26.73 28.80
C ILE B 384 4.93 27.13 30.24
N GLU B 385 5.76 28.05 30.72
CA GLU B 385 5.69 28.49 32.10
C GLU B 385 4.43 29.32 32.35
N TYR B 386 4.08 30.17 31.40
CA TYR B 386 2.92 31.01 31.54
C TYR B 386 1.66 30.15 31.67
N CYS B 387 1.60 29.07 30.90
CA CYS B 387 0.41 28.22 30.93
C CYS B 387 0.21 27.44 32.22
N ARG B 388 1.03 27.69 33.24
CA ARG B 388 0.81 27.08 34.54
C ARG B 388 -0.17 27.94 35.30
N THR B 389 -0.42 29.16 34.81
CA THR B 389 -1.32 30.10 35.48
C THR B 389 -2.73 30.12 34.91
N VAL B 390 -2.91 29.47 33.76
CA VAL B 390 -4.20 29.51 33.08
C VAL B 390 -5.23 28.55 33.69
#